data_121D
# 
_entry.id   121D 
# 
_audit_conform.dict_name       mmcif_pdbx.dic 
_audit_conform.dict_version    5.385 
_audit_conform.dict_location   http://mmcif.pdb.org/dictionaries/ascii/mmcif_pdbx.dic 
# 
loop_
_database_2.database_id 
_database_2.database_code 
_database_2.pdbx_database_accession 
_database_2.pdbx_DOI 
PDB   121D         pdb_0000121d 10.2210/pdb121d/pdb 
RCSB  GDL014       ?            ?                   
WWPDB D_1000170052 ?            ?                   
# 
loop_
_pdbx_audit_revision_history.ordinal 
_pdbx_audit_revision_history.data_content_type 
_pdbx_audit_revision_history.major_revision 
_pdbx_audit_revision_history.minor_revision 
_pdbx_audit_revision_history.revision_date 
1 'Structure model' 1 0 1994-01-15 
2 'Structure model' 1 1 2008-05-22 
3 'Structure model' 1 2 2011-07-13 
4 'Structure model' 1 3 2018-04-18 
5 'Structure model' 1 4 2024-02-07 
# 
_pdbx_audit_revision_details.ordinal             1 
_pdbx_audit_revision_details.revision_ordinal    1 
_pdbx_audit_revision_details.data_content_type   'Structure model' 
_pdbx_audit_revision_details.provider            repository 
_pdbx_audit_revision_details.type                'Initial release' 
_pdbx_audit_revision_details.description         ? 
_pdbx_audit_revision_details.details             ? 
# 
loop_
_pdbx_audit_revision_group.ordinal 
_pdbx_audit_revision_group.revision_ordinal 
_pdbx_audit_revision_group.data_content_type 
_pdbx_audit_revision_group.group 
1 2 'Structure model' 'Version format compliance' 
2 3 'Structure model' 'Version format compliance' 
3 4 'Structure model' Advisory                    
4 4 'Structure model' 'Data collection'           
5 5 'Structure model' Advisory                    
6 5 'Structure model' 'Data collection'           
7 5 'Structure model' 'Database references'       
8 5 'Structure model' 'Derived calculations'      
# 
loop_
_pdbx_audit_revision_category.ordinal 
_pdbx_audit_revision_category.revision_ordinal 
_pdbx_audit_revision_category.data_content_type 
_pdbx_audit_revision_category.category 
1 4 'Structure model' diffrn_detector              
2 4 'Structure model' pdbx_unobs_or_zero_occ_atoms 
3 5 'Structure model' chem_comp_atom               
4 5 'Structure model' chem_comp_bond               
5 5 'Structure model' database_2                   
6 5 'Structure model' pdbx_unobs_or_zero_occ_atoms 
7 5 'Structure model' struct_site                  
# 
loop_
_pdbx_audit_revision_item.ordinal 
_pdbx_audit_revision_item.revision_ordinal 
_pdbx_audit_revision_item.data_content_type 
_pdbx_audit_revision_item.item 
1 4 'Structure model' '_diffrn_detector.detector'           
2 5 'Structure model' '_database_2.pdbx_DOI'                
3 5 'Structure model' '_database_2.pdbx_database_accession' 
4 5 'Structure model' '_struct_site.pdbx_auth_asym_id'      
5 5 'Structure model' '_struct_site.pdbx_auth_comp_id'      
6 5 'Structure model' '_struct_site.pdbx_auth_seq_id'       
# 
_pdbx_database_status.status_code                     REL 
_pdbx_database_status.entry_id                        121D 
_pdbx_database_status.recvd_initial_deposition_date   1993-04-14 
_pdbx_database_status.deposit_site                    BNL 
_pdbx_database_status.process_site                    NDB 
_pdbx_database_status.SG_entry                        . 
_pdbx_database_status.status_code_sf                  ? 
_pdbx_database_status.status_code_mr                  ? 
_pdbx_database_status.pdb_format_compatible           Y 
_pdbx_database_status.status_code_cs                  ? 
_pdbx_database_status.methods_development_category    ? 
_pdbx_database_status.status_code_nmr_data            ? 
# 
loop_
_audit_author.name 
_audit_author.pdbx_ordinal 
'Tabernero, L.'       1 
'Verdaguer, N.'       2 
'Coll, M.'            3 
'Fita, I.'            4 
'Van Der Marel, G.A.' 5 
'Van Boom, J.H.'      6 
'Rich, A.'            7 
'Aymami, J.'          8 
# 
_citation.id                        primary 
_citation.title                     
'Molecular structure of the A-tract DNA dodecamer d(CGCAAATTTGCG) complexed with the minor groove binding drug netropsin.' 
_citation.journal_abbrev            Biochemistry 
_citation.journal_volume            32 
_citation.page_first                8403 
_citation.page_last                 8410 
_citation.year                      1993 
_citation.journal_id_ASTM           BICHAW 
_citation.country                   US 
_citation.journal_id_ISSN           0006-2960 
_citation.journal_id_CSD            0033 
_citation.book_publisher            ? 
_citation.pdbx_database_id_PubMed   8395202 
_citation.pdbx_database_id_DOI      10.1021/bi00084a004 
# 
loop_
_citation_author.citation_id 
_citation_author.name 
_citation_author.ordinal 
_citation_author.identifier_ORCID 
primary 'Tabernero, L.'       1 ? 
primary 'Verdaguer, N.'       2 ? 
primary 'Coll, M.'            3 ? 
primary 'Fita, I.'            4 ? 
primary 'van der Marel, G.A.' 5 ? 
primary 'van Boom, J.H.'      6 ? 
primary 'Rich, A.'            7 ? 
primary 'Aymami, J.'          8 ? 
# 
loop_
_entity.id 
_entity.type 
_entity.src_method 
_entity.pdbx_description 
_entity.formula_weight 
_entity.pdbx_number_of_molecules 
_entity.pdbx_ec 
_entity.pdbx_mutation 
_entity.pdbx_fragment 
_entity.details 
1 polymer     syn 
;DNA (5'-D(*CP*GP*CP*AP*AP*AP*TP*TP*TP*GP*CP*G)-3')
;
3662.404 2  ? ? ? ? 
2 non-polymer syn NETROPSIN                                            430.464  1  ? ? ? ? 
3 water       nat water                                                18.015   47 ? ? ? ? 
# 
_entity_poly.entity_id                      1 
_entity_poly.type                           polydeoxyribonucleotide 
_entity_poly.nstd_linkage                   no 
_entity_poly.nstd_monomer                   no 
_entity_poly.pdbx_seq_one_letter_code       '(DC)(DG)(DC)(DA)(DA)(DA)(DT)(DT)(DT)(DG)(DC)(DG)' 
_entity_poly.pdbx_seq_one_letter_code_can   CGCAAATTTGCG 
_entity_poly.pdbx_strand_id                 A,B 
_entity_poly.pdbx_target_identifier         ? 
# 
loop_
_pdbx_entity_nonpoly.entity_id 
_pdbx_entity_nonpoly.name 
_pdbx_entity_nonpoly.comp_id 
2 NETROPSIN NT  
3 water     HOH 
# 
loop_
_entity_poly_seq.entity_id 
_entity_poly_seq.num 
_entity_poly_seq.mon_id 
_entity_poly_seq.hetero 
1 1  DC n 
1 2  DG n 
1 3  DC n 
1 4  DA n 
1 5  DA n 
1 6  DA n 
1 7  DT n 
1 8  DT n 
1 9  DT n 
1 10 DG n 
1 11 DC n 
1 12 DG n 
# 
loop_
_chem_comp.id 
_chem_comp.type 
_chem_comp.mon_nstd_flag 
_chem_comp.name 
_chem_comp.pdbx_synonyms 
_chem_comp.formula 
_chem_comp.formula_weight 
DA  'DNA linking' y "2'-DEOXYADENOSINE-5'-MONOPHOSPHATE" ? 'C10 H14 N5 O6 P' 331.222 
DC  'DNA linking' y "2'-DEOXYCYTIDINE-5'-MONOPHOSPHATE"  ? 'C9 H14 N3 O7 P'  307.197 
DG  'DNA linking' y "2'-DEOXYGUANOSINE-5'-MONOPHOSPHATE" ? 'C10 H14 N5 O7 P' 347.221 
DT  'DNA linking' y "THYMIDINE-5'-MONOPHOSPHATE"         ? 'C10 H15 N2 O8 P' 322.208 
HOH non-polymer   . WATER                                ? 'H2 O'            18.015  
NT  non-polymer   . NETROPSIN                            ? 'C18 H26 N10 O3'  430.464 
# 
loop_
_pdbx_poly_seq_scheme.asym_id 
_pdbx_poly_seq_scheme.entity_id 
_pdbx_poly_seq_scheme.seq_id 
_pdbx_poly_seq_scheme.mon_id 
_pdbx_poly_seq_scheme.ndb_seq_num 
_pdbx_poly_seq_scheme.pdb_seq_num 
_pdbx_poly_seq_scheme.auth_seq_num 
_pdbx_poly_seq_scheme.pdb_mon_id 
_pdbx_poly_seq_scheme.auth_mon_id 
_pdbx_poly_seq_scheme.pdb_strand_id 
_pdbx_poly_seq_scheme.pdb_ins_code 
_pdbx_poly_seq_scheme.hetero 
A 1 1  DC 1  1  1  DC DC A . n 
A 1 2  DG 2  2  2  DG DG A . n 
A 1 3  DC 3  3  3  DC DC A . n 
A 1 4  DA 4  4  4  DA DA A . n 
A 1 5  DA 5  5  5  DA DA A . n 
A 1 6  DA 6  6  6  DA DA A . n 
A 1 7  DT 7  7  7  DT DT A . n 
A 1 8  DT 8  8  8  DT DT A . n 
A 1 9  DT 9  9  9  DT DT A . n 
A 1 10 DG 10 10 10 DG DG A . n 
A 1 11 DC 11 11 11 DC DC A . n 
A 1 12 DG 12 12 12 DG DG A . n 
B 1 1  DC 1  13 13 DC DC B . n 
B 1 2  DG 2  14 14 DG DG B . n 
B 1 3  DC 3  15 15 DC DC B . n 
B 1 4  DA 4  16 16 DA DA B . n 
B 1 5  DA 5  17 17 DA DA B . n 
B 1 6  DA 6  18 18 DA DA B . n 
B 1 7  DT 7  19 19 DT DT B . n 
B 1 8  DT 8  20 20 DT DT B . n 
B 1 9  DT 9  21 21 DT DT B . n 
B 1 10 DG 10 22 22 DG DG B . n 
B 1 11 DC 11 23 23 DC DC B . n 
B 1 12 DG 12 24 24 DG DG B . n 
# 
loop_
_pdbx_nonpoly_scheme.asym_id 
_pdbx_nonpoly_scheme.entity_id 
_pdbx_nonpoly_scheme.mon_id 
_pdbx_nonpoly_scheme.ndb_seq_num 
_pdbx_nonpoly_scheme.pdb_seq_num 
_pdbx_nonpoly_scheme.auth_seq_num 
_pdbx_nonpoly_scheme.pdb_mon_id 
_pdbx_nonpoly_scheme.auth_mon_id 
_pdbx_nonpoly_scheme.pdb_strand_id 
_pdbx_nonpoly_scheme.pdb_ins_code 
C 2 NT  1  25 25 NT  NT  A . 
D 3 HOH 1  27 27 HOH HOH A . 
D 3 HOH 2  28 28 HOH HOH A . 
D 3 HOH 3  29 29 HOH HOH A . 
D 3 HOH 4  32 32 HOH HOH A . 
D 3 HOH 5  34 34 HOH HOH A . 
D 3 HOH 6  35 35 HOH HOH A . 
D 3 HOH 7  36 36 HOH HOH A . 
D 3 HOH 8  37 37 HOH HOH A . 
D 3 HOH 9  38 38 HOH HOH A . 
D 3 HOH 10 39 39 HOH HOH A . 
D 3 HOH 11 42 42 HOH HOH A . 
D 3 HOH 12 43 43 HOH HOH A . 
D 3 HOH 13 45 45 HOH HOH A . 
D 3 HOH 14 46 46 HOH HOH A . 
D 3 HOH 15 47 47 HOH HOH A . 
D 3 HOH 16 51 51 HOH HOH A . 
D 3 HOH 17 54 54 HOH HOH A . 
D 3 HOH 18 57 57 HOH HOH A . 
D 3 HOH 19 58 58 HOH HOH A . 
D 3 HOH 20 60 60 HOH HOH A . 
D 3 HOH 21 61 61 HOH HOH A . 
D 3 HOH 22 65 65 HOH HOH A . 
D 3 HOH 23 67 67 HOH HOH A . 
D 3 HOH 24 68 68 HOH HOH A . 
D 3 HOH 25 69 69 HOH HOH A . 
D 3 HOH 26 70 70 HOH HOH A . 
D 3 HOH 27 71 71 HOH HOH A . 
D 3 HOH 28 72 72 HOH HOH A . 
E 3 HOH 1  26 26 HOH HOH B . 
E 3 HOH 2  30 30 HOH HOH B . 
E 3 HOH 3  31 31 HOH HOH B . 
E 3 HOH 4  33 33 HOH HOH B . 
E 3 HOH 5  40 40 HOH HOH B . 
E 3 HOH 6  41 41 HOH HOH B . 
E 3 HOH 7  44 44 HOH HOH B . 
E 3 HOH 8  48 48 HOH HOH B . 
E 3 HOH 9  49 49 HOH HOH B . 
E 3 HOH 10 50 50 HOH HOH B . 
E 3 HOH 11 52 52 HOH HOH B . 
E 3 HOH 12 53 53 HOH HOH B . 
E 3 HOH 13 55 55 HOH HOH B . 
E 3 HOH 14 56 56 HOH HOH B . 
E 3 HOH 15 59 59 HOH HOH B . 
E 3 HOH 16 62 62 HOH HOH B . 
E 3 HOH 17 63 63 HOH HOH B . 
E 3 HOH 18 64 64 HOH HOH B . 
E 3 HOH 19 66 66 HOH HOH B . 
# 
_pdbx_unobs_or_zero_occ_atoms.id               1 
_pdbx_unobs_or_zero_occ_atoms.PDB_model_num    1 
_pdbx_unobs_or_zero_occ_atoms.polymer_flag     Y 
_pdbx_unobs_or_zero_occ_atoms.occupancy_flag   0 
_pdbx_unobs_or_zero_occ_atoms.auth_asym_id     A 
_pdbx_unobs_or_zero_occ_atoms.auth_comp_id     DT 
_pdbx_unobs_or_zero_occ_atoms.auth_seq_id      9 
_pdbx_unobs_or_zero_occ_atoms.PDB_ins_code     ? 
_pdbx_unobs_or_zero_occ_atoms.auth_atom_id     O2 
_pdbx_unobs_or_zero_occ_atoms.label_alt_id     ? 
_pdbx_unobs_or_zero_occ_atoms.label_asym_id    A 
_pdbx_unobs_or_zero_occ_atoms.label_comp_id    DT 
_pdbx_unobs_or_zero_occ_atoms.label_seq_id     9 
_pdbx_unobs_or_zero_occ_atoms.label_atom_id    O2 
# 
_software.name             X-PLOR 
_software.classification   refinement 
_software.version          . 
_software.citation_id      ? 
_software.pdbx_ordinal     1 
# 
_cell.entry_id           121D 
_cell.length_a           25.650 
_cell.length_b           42.030 
_cell.length_c           65.330 
_cell.angle_alpha        90.00 
_cell.angle_beta         90.00 
_cell.angle_gamma        90.00 
_cell.Z_PDB              8 
_cell.pdbx_unique_axis   ? 
_cell.length_a_esd       ? 
_cell.length_b_esd       ? 
_cell.length_c_esd       ? 
_cell.angle_alpha_esd    ? 
_cell.angle_beta_esd     ? 
_cell.angle_gamma_esd    ? 
# 
_symmetry.entry_id                         121D 
_symmetry.space_group_name_H-M             'P 21 21 21' 
_symmetry.pdbx_full_space_group_name_H-M   ? 
_symmetry.cell_setting                     ? 
_symmetry.Int_Tables_number                19 
_symmetry.space_group_name_Hall            ? 
# 
_exptl.entry_id          121D 
_exptl.method            'X-RAY DIFFRACTION' 
_exptl.crystals_number   ? 
# 
_exptl_crystal.id                    1 
_exptl_crystal.density_meas          ? 
_exptl_crystal.density_percent_sol   48.83 
_exptl_crystal.density_Matthews      2.40 
_exptl_crystal.description           ? 
_exptl_crystal.F_000                 ? 
_exptl_crystal.preparation           ? 
# 
_exptl_crystal_grow.crystal_id      1 
_exptl_crystal_grow.method          'VAPOR DIFFUSION' 
_exptl_crystal_grow.temp            ? 
_exptl_crystal_grow.temp_details    'ROOM TEMPERATURE' 
_exptl_crystal_grow.pH              6.50 
_exptl_crystal_grow.pdbx_details    'pH 6.50, VAPOR DIFFUSION' 
_exptl_crystal_grow.pdbx_pH_range   ? 
# 
loop_
_exptl_crystal_grow_comp.crystal_id 
_exptl_crystal_grow_comp.id 
_exptl_crystal_grow_comp.sol_id 
_exptl_crystal_grow_comp.name 
_exptl_crystal_grow_comp.volume 
_exptl_crystal_grow_comp.conc 
_exptl_crystal_grow_comp.details 
1 1 1 WATER           ? ? ? 
1 2 1 MPD             ? ? ? 
1 3 1 'NA CACODYLATE' ? ? ? 
1 4 1 MGCL2           ? ? ? 
1 5 1 SPERMINE        ? ? ? 
1 6 2 WATER           ? ? ? 
1 7 2 MPD             ? ? ? 
# 
_diffrn.id                     1 
_diffrn.ambient_temp           ? 
_diffrn.ambient_temp_details   'ROOM TEMPERATURE' 
_diffrn.crystal_id             1 
# 
_diffrn_detector.diffrn_id              1 
_diffrn_detector.detector               DIFFRACTOMETER 
_diffrn_detector.type                   'ENRAF-NONIUS CAD4' 
_diffrn_detector.pdbx_collection_date   ? 
_diffrn_detector.details                ? 
# 
_diffrn_radiation.diffrn_id                        1 
_diffrn_radiation.wavelength_id                    1 
_diffrn_radiation.pdbx_monochromatic_or_laue_m_l   ? 
_diffrn_radiation.monochromator                    ? 
_diffrn_radiation.pdbx_diffrn_protocol             ? 
_diffrn_radiation.pdbx_scattering_type             x-ray 
# 
_diffrn_radiation_wavelength.id           1 
_diffrn_radiation_wavelength.wavelength   . 
_diffrn_radiation_wavelength.wt           1.0 
# 
_diffrn_source.diffrn_id                   1 
_diffrn_source.source                      'ROTATING ANODE' 
_diffrn_source.type                        'ELLIOTT GX-21' 
_diffrn_source.pdbx_synchrotron_site       ? 
_diffrn_source.pdbx_synchrotron_beamline   ? 
_diffrn_source.pdbx_wavelength             ? 
_diffrn_source.pdbx_wavelength_list        ? 
# 
_reflns.entry_id                     121D 
_reflns.observed_criterion_sigma_I   ? 
_reflns.observed_criterion_sigma_F   2.000 
_reflns.d_resolution_low             15.000 
_reflns.d_resolution_high            2.100 
_reflns.number_obs                   2348 
_reflns.number_all                   ? 
_reflns.percent_possible_obs         ? 
_reflns.pdbx_Rmerge_I_obs            ? 
_reflns.pdbx_Rsym_value              ? 
_reflns.pdbx_netI_over_sigmaI        ? 
_reflns.B_iso_Wilson_estimate        ? 
_reflns.pdbx_redundancy              ? 
_reflns.R_free_details               ? 
_reflns.pdbx_chi_squared             ? 
_reflns.pdbx_scaling_rejects         ? 
_reflns.pdbx_diffrn_id               1 
_reflns.pdbx_ordinal                 1 
# 
_refine.entry_id                                 121D 
_refine.ls_number_reflns_obs                     2348 
_refine.ls_number_reflns_all                     ? 
_refine.pdbx_ls_sigma_I                          ? 
_refine.pdbx_ls_sigma_F                          2.000 
_refine.pdbx_data_cutoff_high_absF               ? 
_refine.pdbx_data_cutoff_low_absF                ? 
_refine.pdbx_data_cutoff_high_rms_absF           ? 
_refine.ls_d_res_low                             8.000 
_refine.ls_d_res_high                            2.200 
_refine.ls_percent_reflns_obs                    ? 
_refine.ls_R_factor_obs                          0.1980000 
_refine.ls_R_factor_all                          ? 
_refine.ls_R_factor_R_work                       0.1980000 
_refine.ls_R_factor_R_free                       ? 
_refine.ls_R_factor_R_free_error                 ? 
_refine.ls_R_factor_R_free_error_details         ? 
_refine.ls_percent_reflns_R_free                 ? 
_refine.ls_number_reflns_R_free                  ? 
_refine.ls_number_parameters                     ? 
_refine.ls_number_restraints                     ? 
_refine.occupancy_min                            ? 
_refine.occupancy_max                            ? 
_refine.B_iso_mean                               ? 
_refine.aniso_B[1][1]                            ? 
_refine.aniso_B[2][2]                            ? 
_refine.aniso_B[3][3]                            ? 
_refine.aniso_B[1][2]                            ? 
_refine.aniso_B[1][3]                            ? 
_refine.aniso_B[2][3]                            ? 
_refine.solvent_model_details                    ? 
_refine.solvent_model_param_ksol                 ? 
_refine.solvent_model_param_bsol                 ? 
_refine.pdbx_ls_cross_valid_method               ? 
_refine.details                                  ? 
_refine.pdbx_starting_model                      ? 
_refine.pdbx_method_to_determine_struct          ? 
_refine.pdbx_isotropic_thermal_model             ? 
_refine.pdbx_stereochemistry_target_values       ? 
_refine.pdbx_stereochem_target_val_spec_case     ? 
_refine.pdbx_R_Free_selection_details            ? 
_refine.pdbx_overall_ESU_R                       ? 
_refine.pdbx_overall_ESU_R_Free                  ? 
_refine.overall_SU_ML                            ? 
_refine.overall_SU_B                             ? 
_refine.ls_redundancy_reflns_obs                 ? 
_refine.pdbx_overall_phase_error                 ? 
_refine.correlation_coeff_Fo_to_Fc               ? 
_refine.correlation_coeff_Fo_to_Fc_free          ? 
_refine.pdbx_solvent_vdw_probe_radii             ? 
_refine.pdbx_solvent_ion_probe_radii             ? 
_refine.pdbx_solvent_shrinkage_radii             ? 
_refine.overall_SU_R_Cruickshank_DPI             ? 
_refine.overall_SU_R_free                        ? 
_refine.ls_wR_factor_R_free                      ? 
_refine.ls_wR_factor_R_work                      ? 
_refine.overall_FOM_free_R_set                   ? 
_refine.overall_FOM_work_R_set                   ? 
_refine.pdbx_refine_id                           'X-RAY DIFFRACTION' 
_refine.pdbx_diffrn_id                           1 
_refine.pdbx_TLS_residual_ADP_flag               ? 
_refine.pdbx_overall_SU_R_free_Cruickshank_DPI   ? 
_refine.pdbx_overall_SU_R_Blow_DPI               ? 
_refine.pdbx_overall_SU_R_free_Blow_DPI          ? 
# 
_refine_hist.pdbx_refine_id                   'X-RAY DIFFRACTION' 
_refine_hist.cycle_id                         LAST 
_refine_hist.pdbx_number_atoms_protein        0 
_refine_hist.pdbx_number_atoms_nucleic_acid   486 
_refine_hist.pdbx_number_atoms_ligand         31 
_refine_hist.number_atoms_solvent             47 
_refine_hist.number_atoms_total               564 
_refine_hist.d_res_high                       2.200 
_refine_hist.d_res_low                        8.000 
# 
loop_
_refine_ls_restr.type 
_refine_ls_restr.dev_ideal 
_refine_ls_restr.dev_ideal_target 
_refine_ls_restr.weight 
_refine_ls_restr.number 
_refine_ls_restr.pdbx_refine_id 
_refine_ls_restr.pdbx_restraint_function 
x_bond_d                0.021 ? ? ? 'X-RAY DIFFRACTION' ? 
x_bond_d_na             ?     ? ? ? 'X-RAY DIFFRACTION' ? 
x_bond_d_prot           ?     ? ? ? 'X-RAY DIFFRACTION' ? 
x_angle_d               ?     ? ? ? 'X-RAY DIFFRACTION' ? 
x_angle_d_na            ?     ? ? ? 'X-RAY DIFFRACTION' ? 
x_angle_d_prot          ?     ? ? ? 'X-RAY DIFFRACTION' ? 
x_angle_deg             4.10  ? ? ? 'X-RAY DIFFRACTION' ? 
x_angle_deg_na          ?     ? ? ? 'X-RAY DIFFRACTION' ? 
x_angle_deg_prot        ?     ? ? ? 'X-RAY DIFFRACTION' ? 
x_dihedral_angle_d      ?     ? ? ? 'X-RAY DIFFRACTION' ? 
x_dihedral_angle_d_na   ?     ? ? ? 'X-RAY DIFFRACTION' ? 
x_dihedral_angle_d_prot ?     ? ? ? 'X-RAY DIFFRACTION' ? 
x_improper_angle_d      ?     ? ? ? 'X-RAY DIFFRACTION' ? 
x_improper_angle_d_na   ?     ? ? ? 'X-RAY DIFFRACTION' ? 
x_improper_angle_d_prot ?     ? ? ? 'X-RAY DIFFRACTION' ? 
x_mcbond_it             ?     ? ? ? 'X-RAY DIFFRACTION' ? 
x_mcangle_it            ?     ? ? ? 'X-RAY DIFFRACTION' ? 
x_scbond_it             ?     ? ? ? 'X-RAY DIFFRACTION' ? 
x_scangle_it            ?     ? ? ? 'X-RAY DIFFRACTION' ? 
# 
_struct.entry_id                  121D 
_struct.title                     
'MOLECULAR STRUCTURE OF THE A-TRACT DNA DODECAMER D(CGCAAATTTGCG) COMPLEXED WITH THE MINOR GROOVE BINDING DRUG NETROPSIN' 
_struct.pdbx_model_details        ? 
_struct.pdbx_CASP_flag            ? 
_struct.pdbx_model_type_details   ? 
# 
_struct_keywords.entry_id        121D 
_struct_keywords.pdbx_keywords   DNA 
_struct_keywords.text            'B-DNA, DOUBLE HELIX, COMPLEXED WITH DRUG, DNA' 
# 
loop_
_struct_asym.id 
_struct_asym.pdbx_blank_PDB_chainid_flag 
_struct_asym.pdbx_modified 
_struct_asym.entity_id 
_struct_asym.details 
A N N 1 ? 
B N N 1 ? 
C N N 2 ? 
D N N 3 ? 
E N N 3 ? 
# 
_struct_ref.id                         1 
_struct_ref.entity_id                  1 
_struct_ref.db_name                    PDB 
_struct_ref.db_code                    121D 
_struct_ref.pdbx_db_accession          121D 
_struct_ref.pdbx_db_isoform            ? 
_struct_ref.pdbx_seq_one_letter_code   ? 
_struct_ref.pdbx_align_begin           ? 
# 
loop_
_struct_ref_seq.align_id 
_struct_ref_seq.ref_id 
_struct_ref_seq.pdbx_PDB_id_code 
_struct_ref_seq.pdbx_strand_id 
_struct_ref_seq.seq_align_beg 
_struct_ref_seq.pdbx_seq_align_beg_ins_code 
_struct_ref_seq.seq_align_end 
_struct_ref_seq.pdbx_seq_align_end_ins_code 
_struct_ref_seq.pdbx_db_accession 
_struct_ref_seq.db_align_beg 
_struct_ref_seq.pdbx_db_align_beg_ins_code 
_struct_ref_seq.db_align_end 
_struct_ref_seq.pdbx_db_align_end_ins_code 
_struct_ref_seq.pdbx_auth_seq_align_beg 
_struct_ref_seq.pdbx_auth_seq_align_end 
1 1 121D A 1 ? 12 ? 121D 1  ? 12 ? 1  12 
2 1 121D B 1 ? 12 ? 121D 13 ? 24 ? 13 24 
# 
_pdbx_struct_assembly.id                   1 
_pdbx_struct_assembly.details              author_defined_assembly 
_pdbx_struct_assembly.method_details       ? 
_pdbx_struct_assembly.oligomeric_details   dimeric 
_pdbx_struct_assembly.oligomeric_count     2 
# 
_pdbx_struct_assembly_gen.assembly_id       1 
_pdbx_struct_assembly_gen.oper_expression   1 
_pdbx_struct_assembly_gen.asym_id_list      A,B,C,D,E 
# 
_pdbx_struct_oper_list.id                   1 
_pdbx_struct_oper_list.type                 'identity operation' 
_pdbx_struct_oper_list.name                 1_555 
_pdbx_struct_oper_list.symmetry_operation   x,y,z 
_pdbx_struct_oper_list.matrix[1][1]         1.0000000000 
_pdbx_struct_oper_list.matrix[1][2]         0.0000000000 
_pdbx_struct_oper_list.matrix[1][3]         0.0000000000 
_pdbx_struct_oper_list.vector[1]            0.0000000000 
_pdbx_struct_oper_list.matrix[2][1]         0.0000000000 
_pdbx_struct_oper_list.matrix[2][2]         1.0000000000 
_pdbx_struct_oper_list.matrix[2][3]         0.0000000000 
_pdbx_struct_oper_list.vector[2]            0.0000000000 
_pdbx_struct_oper_list.matrix[3][1]         0.0000000000 
_pdbx_struct_oper_list.matrix[3][2]         0.0000000000 
_pdbx_struct_oper_list.matrix[3][3]         1.0000000000 
_pdbx_struct_oper_list.vector[3]            0.0000000000 
# 
_struct_biol.id        1 
_struct_biol.details   ? 
# 
loop_
_struct_conn.id 
_struct_conn.conn_type_id 
_struct_conn.pdbx_leaving_atom_flag 
_struct_conn.pdbx_PDB_id 
_struct_conn.ptnr1_label_asym_id 
_struct_conn.ptnr1_label_comp_id 
_struct_conn.ptnr1_label_seq_id 
_struct_conn.ptnr1_label_atom_id 
_struct_conn.pdbx_ptnr1_label_alt_id 
_struct_conn.pdbx_ptnr1_PDB_ins_code 
_struct_conn.pdbx_ptnr1_standard_comp_id 
_struct_conn.ptnr1_symmetry 
_struct_conn.ptnr2_label_asym_id 
_struct_conn.ptnr2_label_comp_id 
_struct_conn.ptnr2_label_seq_id 
_struct_conn.ptnr2_label_atom_id 
_struct_conn.pdbx_ptnr2_label_alt_id 
_struct_conn.pdbx_ptnr2_PDB_ins_code 
_struct_conn.ptnr1_auth_asym_id 
_struct_conn.ptnr1_auth_comp_id 
_struct_conn.ptnr1_auth_seq_id 
_struct_conn.ptnr2_auth_asym_id 
_struct_conn.ptnr2_auth_comp_id 
_struct_conn.ptnr2_auth_seq_id 
_struct_conn.ptnr2_symmetry 
_struct_conn.pdbx_ptnr3_label_atom_id 
_struct_conn.pdbx_ptnr3_label_seq_id 
_struct_conn.pdbx_ptnr3_label_comp_id 
_struct_conn.pdbx_ptnr3_label_asym_id 
_struct_conn.pdbx_ptnr3_label_alt_id 
_struct_conn.pdbx_ptnr3_PDB_ins_code 
_struct_conn.details 
_struct_conn.pdbx_dist_value 
_struct_conn.pdbx_value_order 
_struct_conn.pdbx_role 
hydrog1  hydrog ? ? A DC 1  N3 ? ? ? 1_555 B DG 12 N1 ? ? A DC 1  B DG 24 1_555 ? ? ? ? ? ? WATSON-CRICK ? ? ? 
hydrog2  hydrog ? ? A DC 1  N4 ? ? ? 1_555 B DG 12 O6 ? ? A DC 1  B DG 24 1_555 ? ? ? ? ? ? WATSON-CRICK ? ? ? 
hydrog3  hydrog ? ? A DC 1  O2 ? ? ? 1_555 B DG 12 N2 ? ? A DC 1  B DG 24 1_555 ? ? ? ? ? ? WATSON-CRICK ? ? ? 
hydrog4  hydrog ? ? A DG 2  N1 ? ? ? 1_555 B DC 11 N3 ? ? A DG 2  B DC 23 1_555 ? ? ? ? ? ? WATSON-CRICK ? ? ? 
hydrog5  hydrog ? ? A DG 2  N2 ? ? ? 1_555 B DC 11 O2 ? ? A DG 2  B DC 23 1_555 ? ? ? ? ? ? WATSON-CRICK ? ? ? 
hydrog6  hydrog ? ? A DG 2  O6 ? ? ? 1_555 B DC 11 N4 ? ? A DG 2  B DC 23 1_555 ? ? ? ? ? ? WATSON-CRICK ? ? ? 
hydrog7  hydrog ? ? A DC 3  N3 ? ? ? 1_555 B DG 10 N1 ? ? A DC 3  B DG 22 1_555 ? ? ? ? ? ? WATSON-CRICK ? ? ? 
hydrog8  hydrog ? ? A DC 3  N4 ? ? ? 1_555 B DG 10 O6 ? ? A DC 3  B DG 22 1_555 ? ? ? ? ? ? WATSON-CRICK ? ? ? 
hydrog9  hydrog ? ? A DC 3  O2 ? ? ? 1_555 B DG 10 N2 ? ? A DC 3  B DG 22 1_555 ? ? ? ? ? ? WATSON-CRICK ? ? ? 
hydrog10 hydrog ? ? A DA 4  N1 ? ? ? 1_555 B DT 9  N3 ? ? A DA 4  B DT 21 1_555 ? ? ? ? ? ? WATSON-CRICK ? ? ? 
hydrog11 hydrog ? ? A DA 4  N6 ? ? ? 1_555 B DT 9  O4 ? ? A DA 4  B DT 21 1_555 ? ? ? ? ? ? WATSON-CRICK ? ? ? 
hydrog12 hydrog ? ? A DA 5  N6 ? ? ? 1_555 B DT 7  O4 ? ? A DA 5  B DT 19 1_555 ? ? ? ? ? ? 'DA-DT PAIR' ? ? ? 
hydrog13 hydrog ? ? A DA 5  N1 ? ? ? 1_555 B DT 8  N3 ? ? A DA 5  B DT 20 1_555 ? ? ? ? ? ? WATSON-CRICK ? ? ? 
hydrog14 hydrog ? ? A DA 5  N6 ? ? ? 1_555 B DT 8  O4 ? ? A DA 5  B DT 20 1_555 ? ? ? ? ? ? WATSON-CRICK ? ? ? 
hydrog15 hydrog ? ? A DA 6  N1 ? ? ? 1_555 B DT 7  N3 ? ? A DA 6  B DT 19 1_555 ? ? ? ? ? ? WATSON-CRICK ? ? ? 
hydrog16 hydrog ? ? A DA 6  N6 ? ? ? 1_555 B DT 7  O4 ? ? A DA 6  B DT 19 1_555 ? ? ? ? ? ? WATSON-CRICK ? ? ? 
hydrog17 hydrog ? ? A DT 7  N3 ? ? ? 1_555 B DA 6  N1 ? ? A DT 7  B DA 18 1_555 ? ? ? ? ? ? 'DT-DA PAIR' ? ? ? 
hydrog18 hydrog ? ? A DT 8  N3 ? ? ? 1_555 B DA 5  N1 ? ? A DT 8  B DA 17 1_555 ? ? ? ? ? ? WATSON-CRICK ? ? ? 
hydrog19 hydrog ? ? A DT 8  O4 ? ? ? 1_555 B DA 5  N6 ? ? A DT 8  B DA 17 1_555 ? ? ? ? ? ? WATSON-CRICK ? ? ? 
hydrog20 hydrog ? ? A DT 9  N3 ? ? ? 1_555 B DA 4  N1 ? ? A DT 9  B DA 16 1_555 ? ? ? ? ? ? WATSON-CRICK ? ? ? 
hydrog21 hydrog ? ? A DT 9  O4 ? ? ? 1_555 B DA 4  N6 ? ? A DT 9  B DA 16 1_555 ? ? ? ? ? ? WATSON-CRICK ? ? ? 
hydrog22 hydrog ? ? A DG 10 N1 ? ? ? 1_555 B DC 3  N3 ? ? A DG 10 B DC 15 1_555 ? ? ? ? ? ? WATSON-CRICK ? ? ? 
hydrog23 hydrog ? ? A DG 10 N2 ? ? ? 1_555 B DC 3  O2 ? ? A DG 10 B DC 15 1_555 ? ? ? ? ? ? WATSON-CRICK ? ? ? 
hydrog24 hydrog ? ? A DG 10 O6 ? ? ? 1_555 B DC 3  N4 ? ? A DG 10 B DC 15 1_555 ? ? ? ? ? ? WATSON-CRICK ? ? ? 
hydrog25 hydrog ? ? A DC 11 N3 ? ? ? 1_555 B DG 2  N1 ? ? A DC 11 B DG 14 1_555 ? ? ? ? ? ? WATSON-CRICK ? ? ? 
hydrog26 hydrog ? ? A DC 11 N4 ? ? ? 1_555 B DG 2  O6 ? ? A DC 11 B DG 14 1_555 ? ? ? ? ? ? WATSON-CRICK ? ? ? 
hydrog27 hydrog ? ? A DC 11 O2 ? ? ? 1_555 B DG 2  N2 ? ? A DC 11 B DG 14 1_555 ? ? ? ? ? ? WATSON-CRICK ? ? ? 
hydrog28 hydrog ? ? A DG 12 N1 ? ? ? 1_555 B DC 1  N3 ? ? A DG 12 B DC 13 1_555 ? ? ? ? ? ? WATSON-CRICK ? ? ? 
hydrog29 hydrog ? ? A DG 12 N2 ? ? ? 1_555 B DC 1  O2 ? ? A DG 12 B DC 13 1_555 ? ? ? ? ? ? WATSON-CRICK ? ? ? 
hydrog30 hydrog ? ? A DG 12 O6 ? ? ? 1_555 B DC 1  N4 ? ? A DG 12 B DC 13 1_555 ? ? ? ? ? ? WATSON-CRICK ? ? ? 
# 
_struct_conn_type.id          hydrog 
_struct_conn_type.criteria    ? 
_struct_conn_type.reference   ? 
# 
loop_
_struct_site.id 
_struct_site.pdbx_evidence_code 
_struct_site.pdbx_auth_asym_id 
_struct_site.pdbx_auth_comp_id 
_struct_site.pdbx_auth_seq_id 
_struct_site.pdbx_auth_ins_code 
_struct_site.pdbx_num_residues 
_struct_site.details 
AC1 Software A NT 25 ? 10 'BINDING SITE FOR RESIDUE NT A 25' 
1   ?        ? ?  ?  ? ?  ?                                  
# 
loop_
_struct_site_gen.id 
_struct_site_gen.site_id 
_struct_site_gen.pdbx_num_res 
_struct_site_gen.label_comp_id 
_struct_site_gen.label_asym_id 
_struct_site_gen.label_seq_id 
_struct_site_gen.pdbx_auth_ins_code 
_struct_site_gen.auth_comp_id 
_struct_site_gen.auth_asym_id 
_struct_site_gen.auth_seq_id 
_struct_site_gen.label_atom_id 
_struct_site_gen.label_alt_id 
_struct_site_gen.symmetry 
_struct_site_gen.details 
1  AC1 10 DA A 6  ? DA A 6  . ? 1_555 ? 
2  AC1 10 DT A 7  ? DT A 7  . ? 1_555 ? 
3  AC1 10 DT A 8  ? DT A 8  . ? 1_555 ? 
4  AC1 10 DT A 9  ? DT A 9  . ? 1_555 ? 
5  AC1 10 DG A 10 ? DG A 10 . ? 1_555 ? 
6  AC1 10 DA B 5  ? DA B 17 . ? 1_555 ? 
7  AC1 10 DA B 6  ? DA B 18 . ? 1_555 ? 
8  AC1 10 DT B 7  ? DT B 19 . ? 1_555 ? 
9  AC1 10 DT B 8  ? DT B 20 . ? 1_555 ? 
10 AC1 10 DT B 9  ? DT B 21 . ? 1_555 ? 
# 
loop_
_pdbx_validate_rmsd_bond.id 
_pdbx_validate_rmsd_bond.PDB_model_num 
_pdbx_validate_rmsd_bond.auth_atom_id_1 
_pdbx_validate_rmsd_bond.auth_asym_id_1 
_pdbx_validate_rmsd_bond.auth_comp_id_1 
_pdbx_validate_rmsd_bond.auth_seq_id_1 
_pdbx_validate_rmsd_bond.PDB_ins_code_1 
_pdbx_validate_rmsd_bond.label_alt_id_1 
_pdbx_validate_rmsd_bond.auth_atom_id_2 
_pdbx_validate_rmsd_bond.auth_asym_id_2 
_pdbx_validate_rmsd_bond.auth_comp_id_2 
_pdbx_validate_rmsd_bond.auth_seq_id_2 
_pdbx_validate_rmsd_bond.PDB_ins_code_2 
_pdbx_validate_rmsd_bond.label_alt_id_2 
_pdbx_validate_rmsd_bond.bond_value 
_pdbx_validate_rmsd_bond.bond_target_value 
_pdbx_validate_rmsd_bond.bond_deviation 
_pdbx_validate_rmsd_bond.bond_standard_deviation 
_pdbx_validate_rmsd_bond.linker_flag 
1  1 "C5'" A DC 1  ? ? "C4'" A DC 1  ? ? 1.565 1.512 0.053  0.007 N 
2  1 "C3'" A DG 2  ? ? "C2'" A DG 2  ? ? 1.466 1.516 -0.050 0.008 N 
3  1 "O3'" A DG 2  ? ? "C3'" A DG 2  ? ? 1.368 1.419 -0.051 0.006 N 
4  1 "O4'" A DC 3  ? ? "C4'" A DC 3  ? ? 1.382 1.446 -0.064 0.010 N 
5  1 "C4'" A DT 7  ? ? "C3'" A DT 7  ? ? 1.439 1.521 -0.082 0.010 N 
6  1 C5    A DT 9  ? ? C7    A DT 9  ? ? 1.543 1.496 0.047  0.006 N 
7  1 "C5'" A DG 10 ? ? "C4'" A DG 10 ? ? 1.567 1.512 0.055  0.007 N 
8  1 C6    A DG 10 ? ? N1    A DG 10 ? ? 1.340 1.391 -0.051 0.007 N 
9  1 "C4'" B DT 21 ? ? "C3'" B DT 21 ? ? 1.410 1.521 -0.111 0.010 N 
10 1 C5    B DT 21 ? ? C7    B DT 21 ? ? 1.554 1.496 0.058  0.006 N 
# 
loop_
_pdbx_validate_rmsd_angle.id 
_pdbx_validate_rmsd_angle.PDB_model_num 
_pdbx_validate_rmsd_angle.auth_atom_id_1 
_pdbx_validate_rmsd_angle.auth_asym_id_1 
_pdbx_validate_rmsd_angle.auth_comp_id_1 
_pdbx_validate_rmsd_angle.auth_seq_id_1 
_pdbx_validate_rmsd_angle.PDB_ins_code_1 
_pdbx_validate_rmsd_angle.label_alt_id_1 
_pdbx_validate_rmsd_angle.auth_atom_id_2 
_pdbx_validate_rmsd_angle.auth_asym_id_2 
_pdbx_validate_rmsd_angle.auth_comp_id_2 
_pdbx_validate_rmsd_angle.auth_seq_id_2 
_pdbx_validate_rmsd_angle.PDB_ins_code_2 
_pdbx_validate_rmsd_angle.label_alt_id_2 
_pdbx_validate_rmsd_angle.auth_atom_id_3 
_pdbx_validate_rmsd_angle.auth_asym_id_3 
_pdbx_validate_rmsd_angle.auth_comp_id_3 
_pdbx_validate_rmsd_angle.auth_seq_id_3 
_pdbx_validate_rmsd_angle.PDB_ins_code_3 
_pdbx_validate_rmsd_angle.label_alt_id_3 
_pdbx_validate_rmsd_angle.angle_value 
_pdbx_validate_rmsd_angle.angle_target_value 
_pdbx_validate_rmsd_angle.angle_deviation 
_pdbx_validate_rmsd_angle.angle_standard_deviation 
_pdbx_validate_rmsd_angle.linker_flag 
1  1 "C4'" A DC 1  ? ? "C3'" A DC 1  ? ? "C2'" A DC 1  ? ? 96.31  102.20 -5.89  0.70 N 
2  1 "O4'" A DC 1  ? ? "C1'" A DC 1  ? ? "C2'" A DC 1  ? ? 100.83 105.90 -5.07  0.80 N 
3  1 N1    A DC 1  ? ? C2    A DC 1  ? ? O2    A DC 1  ? ? 123.44 118.90 4.54   0.60 N 
4  1 N3    A DC 1  ? ? C2    A DC 1  ? ? O2    A DC 1  ? ? 116.92 121.90 -4.98  0.70 N 
5  1 N9    A DG 2  ? ? "C1'" A DG 2  ? ? "C2'" A DG 2  ? ? 100.98 112.60 -11.62 1.90 N 
6  1 "O4'" A DG 2  ? ? "C1'" A DG 2  ? ? N9    A DG 2  ? ? 122.41 108.30 14.11  0.30 N 
7  1 N7    A DG 2  ? ? C8    A DG 2  ? ? N9    A DG 2  ? ? 117.05 113.10 3.95   0.50 N 
8  1 C8    A DG 2  ? ? N9    A DG 2  ? ? C4    A DG 2  ? ? 102.93 106.40 -3.47  0.40 N 
9  1 "O4'" A DC 3  ? ? "C4'" A DC 3  ? ? "C3'" A DC 3  ? ? 100.40 104.50 -4.10  0.40 N 
10 1 "O4'" A DC 3  ? ? "C1'" A DC 3  ? ? "C2'" A DC 3  ? ? 100.86 105.90 -5.04  0.80 N 
11 1 "O4'" A DA 4  ? ? "C1'" A DA 4  ? ? "C2'" A DA 4  ? ? 99.99  105.90 -5.91  0.80 N 
12 1 C8    A DA 4  ? ? N9    A DA 4  ? ? C4    A DA 4  ? ? 102.75 105.80 -3.05  0.40 N 
13 1 "O4'" A DA 5  ? ? "C1'" A DA 5  ? ? N9    A DA 5  ? ? 111.74 108.30 3.44   0.30 N 
14 1 "C3'" A DA 5  ? ? "O3'" A DA 5  ? ? P     A DA 6  ? ? 131.70 119.70 12.00  1.20 Y 
15 1 "O4'" A DT 7  ? ? "C1'" A DT 7  ? ? "C2'" A DT 7  ? ? 97.88  105.90 -8.02  0.80 N 
16 1 "O4'" A DT 7  ? ? "C1'" A DT 7  ? ? N1    A DT 7  ? ? 111.59 108.30 3.29   0.30 N 
17 1 C4    A DT 7  ? ? C5    A DT 7  ? ? C6    A DT 7  ? ? 121.99 118.00 3.99   0.60 N 
18 1 C6    A DT 7  ? ? C5    A DT 7  ? ? C7    A DT 7  ? ? 117.91 122.90 -4.99  0.60 N 
19 1 "O4'" A DT 8  ? ? "C4'" A DT 8  ? ? "C3'" A DT 8  ? ? 100.37 104.50 -4.13  0.40 N 
20 1 "O4'" A DT 9  ? ? "C1'" A DT 9  ? ? N1    A DT 9  ? ? 103.52 108.00 -4.48  0.70 N 
21 1 "C5'" A DG 10 ? ? "C4'" A DG 10 ? ? "O4'" A DG 10 ? ? 117.05 109.80 7.25   1.10 N 
22 1 C8    A DG 10 ? ? N9    A DG 10 ? ? C4    A DG 10 ? ? 103.82 106.40 -2.58  0.40 N 
23 1 N1    A DG 10 ? ? C6    A DG 10 ? ? O6    A DG 10 ? ? 115.88 119.90 -4.02  0.60 N 
24 1 "O4'" A DC 11 ? ? "C4'" A DC 11 ? ? "C3'" A DC 11 ? ? 110.60 106.00 4.60   0.60 N 
25 1 N1    A DC 11 ? ? C2    A DC 11 ? ? O2    A DC 11 ? ? 124.69 118.90 5.79   0.60 N 
26 1 N3    A DC 11 ? ? C2    A DC 11 ? ? O2    A DC 11 ? ? 115.83 121.90 -6.07  0.70 N 
27 1 "O4'" B DC 13 ? ? "C1'" B DC 13 ? ? N1    B DC 13 ? ? 110.70 108.30 2.40   0.30 N 
28 1 N1    B DC 13 ? ? C2    B DC 13 ? ? O2    B DC 13 ? ? 125.24 118.90 6.34   0.60 N 
29 1 N3    B DC 13 ? ? C2    B DC 13 ? ? O2    B DC 13 ? ? 117.57 121.90 -4.33  0.70 N 
30 1 C5    B DG 14 ? ? N7    B DG 14 ? ? C8    B DG 14 ? ? 101.28 104.30 -3.02  0.50 N 
31 1 N7    B DG 14 ? ? C8    B DG 14 ? ? N9    B DG 14 ? ? 116.52 113.10 3.42   0.50 N 
32 1 "C3'" B DG 14 ? ? "O3'" B DG 14 ? ? P     B DC 15 ? ? 128.01 119.70 8.31   1.20 Y 
33 1 N1    B DC 15 ? ? C2    B DC 15 ? ? O2    B DC 15 ? ? 123.08 118.90 4.18   0.60 N 
34 1 P     B DA 17 ? ? "O5'" B DA 17 ? ? "C5'" B DA 17 ? ? 110.04 120.90 -10.86 1.60 N 
35 1 "C1'" B DA 17 ? ? "O4'" B DA 17 ? ? "C4'" B DA 17 ? ? 116.28 110.30 5.98   0.70 N 
36 1 "O4'" B DA 17 ? ? "C1'" B DA 17 ? ? "C2'" B DA 17 ? ? 94.57  105.90 -11.33 0.80 N 
37 1 N7    B DA 17 ? ? C8    B DA 17 ? ? N9    B DA 17 ? ? 116.96 113.80 3.16   0.50 N 
38 1 "O4'" B DA 18 ? ? "C1'" B DA 18 ? ? "C2'" B DA 18 ? ? 100.71 105.90 -5.19  0.80 N 
39 1 "O4'" B DA 18 ? ? "C1'" B DA 18 ? ? N9    B DA 18 ? ? 111.79 108.30 3.49   0.30 N 
40 1 C8    B DA 18 ? ? N9    B DA 18 ? ? C4    B DA 18 ? ? 102.55 105.80 -3.25  0.40 N 
41 1 "O4'" B DT 19 ? ? "C4'" B DT 19 ? ? "C3'" B DT 19 ? ? 101.28 104.50 -3.22  0.40 N 
42 1 "C1'" B DT 19 ? ? "O4'" B DT 19 ? ? "C4'" B DT 19 ? ? 101.27 110.10 -8.83  1.00 N 
43 1 "O4'" B DT 19 ? ? "C1'" B DT 19 ? ? "C2'" B DT 19 ? ? 100.38 105.90 -5.52  0.80 N 
44 1 "O4'" B DT 20 ? ? "C1'" B DT 20 ? ? "C2'" B DT 20 ? ? 101.07 105.90 -4.83  0.80 N 
45 1 "O4'" B DT 20 ? ? "C1'" B DT 20 ? ? N1    B DT 20 ? ? 100.84 108.00 -7.16  0.70 N 
46 1 C4    B DT 20 ? ? C5    B DT 20 ? ? C6    B DT 20 ? ? 121.97 118.00 3.97   0.60 N 
47 1 "C5'" B DT 21 ? ? "C4'" B DT 21 ? ? "O4'" B DT 21 ? ? 116.63 109.80 6.83   1.10 N 
48 1 "O4'" B DT 21 ? ? "C1'" B DT 21 ? ? "C2'" B DT 21 ? ? 99.79  105.90 -6.11  0.80 N 
49 1 "O4'" B DG 22 ? ? "C1'" B DG 22 ? ? N9    B DG 22 ? ? 120.48 108.30 12.18  0.30 N 
50 1 N7    B DG 22 ? ? C8    B DG 22 ? ? N9    B DG 22 ? ? 116.86 113.10 3.76   0.50 N 
51 1 C8    B DG 22 ? ? N9    B DG 22 ? ? C4    B DG 22 ? ? 103.53 106.40 -2.87  0.40 N 
52 1 "O3'" B DG 22 ? ? P     B DC 23 ? ? "O5'" B DC 23 ? ? 92.31  104.00 -11.69 1.90 Y 
53 1 "O4'" B DC 23 ? ? "C4'" B DC 23 ? ? "C3'" B DC 23 ? ? 110.02 106.00 4.02   0.60 N 
54 1 N1    B DC 23 ? ? C2    B DC 23 ? ? O2    B DC 23 ? ? 122.67 118.90 3.77   0.60 N 
# 
loop_
_pdbx_validate_planes.id 
_pdbx_validate_planes.PDB_model_num 
_pdbx_validate_planes.auth_comp_id 
_pdbx_validate_planes.auth_asym_id 
_pdbx_validate_planes.auth_seq_id 
_pdbx_validate_planes.PDB_ins_code 
_pdbx_validate_planes.label_alt_id 
_pdbx_validate_planes.rmsd 
_pdbx_validate_planes.type 
1 1 DT A 8  ? ? 0.097 'SIDE CHAIN' 
2 1 DG B 14 ? ? 0.060 'SIDE CHAIN' 
# 
_struct_site_keywords.site_id   1 
_struct_site_keywords.text      'MINOR GROOVE BINDER' 
# 
loop_
_refine_B_iso.class 
_refine_B_iso.details 
_refine_B_iso.treatment 
_refine_B_iso.pdbx_refine_id 
'ALL ATOMS'  TR isotropic 'X-RAY DIFFRACTION' 
'ALL WATERS' TR isotropic 'X-RAY DIFFRACTION' 
# 
loop_
_refine_occupancy.class 
_refine_occupancy.treatment 
_refine_occupancy.pdbx_refine_id 
'ALL ATOMS'  fix 'X-RAY DIFFRACTION' 
'ALL WATERS' fix 'X-RAY DIFFRACTION' 
# 
loop_
_chem_comp_atom.comp_id 
_chem_comp_atom.atom_id 
_chem_comp_atom.type_symbol 
_chem_comp_atom.pdbx_aromatic_flag 
_chem_comp_atom.pdbx_stereo_config 
_chem_comp_atom.pdbx_ordinal 
DA  OP3    O N N 1   
DA  P      P N N 2   
DA  OP1    O N N 3   
DA  OP2    O N N 4   
DA  "O5'"  O N N 5   
DA  "C5'"  C N N 6   
DA  "C4'"  C N R 7   
DA  "O4'"  O N N 8   
DA  "C3'"  C N S 9   
DA  "O3'"  O N N 10  
DA  "C2'"  C N N 11  
DA  "C1'"  C N R 12  
DA  N9     N Y N 13  
DA  C8     C Y N 14  
DA  N7     N Y N 15  
DA  C5     C Y N 16  
DA  C6     C Y N 17  
DA  N6     N N N 18  
DA  N1     N Y N 19  
DA  C2     C Y N 20  
DA  N3     N Y N 21  
DA  C4     C Y N 22  
DA  HOP3   H N N 23  
DA  HOP2   H N N 24  
DA  "H5'"  H N N 25  
DA  "H5''" H N N 26  
DA  "H4'"  H N N 27  
DA  "H3'"  H N N 28  
DA  "HO3'" H N N 29  
DA  "H2'"  H N N 30  
DA  "H2''" H N N 31  
DA  "H1'"  H N N 32  
DA  H8     H N N 33  
DA  H61    H N N 34  
DA  H62    H N N 35  
DA  H2     H N N 36  
DC  OP3    O N N 37  
DC  P      P N N 38  
DC  OP1    O N N 39  
DC  OP2    O N N 40  
DC  "O5'"  O N N 41  
DC  "C5'"  C N N 42  
DC  "C4'"  C N R 43  
DC  "O4'"  O N N 44  
DC  "C3'"  C N S 45  
DC  "O3'"  O N N 46  
DC  "C2'"  C N N 47  
DC  "C1'"  C N R 48  
DC  N1     N N N 49  
DC  C2     C N N 50  
DC  O2     O N N 51  
DC  N3     N N N 52  
DC  C4     C N N 53  
DC  N4     N N N 54  
DC  C5     C N N 55  
DC  C6     C N N 56  
DC  HOP3   H N N 57  
DC  HOP2   H N N 58  
DC  "H5'"  H N N 59  
DC  "H5''" H N N 60  
DC  "H4'"  H N N 61  
DC  "H3'"  H N N 62  
DC  "HO3'" H N N 63  
DC  "H2'"  H N N 64  
DC  "H2''" H N N 65  
DC  "H1'"  H N N 66  
DC  H41    H N N 67  
DC  H42    H N N 68  
DC  H5     H N N 69  
DC  H6     H N N 70  
DG  OP3    O N N 71  
DG  P      P N N 72  
DG  OP1    O N N 73  
DG  OP2    O N N 74  
DG  "O5'"  O N N 75  
DG  "C5'"  C N N 76  
DG  "C4'"  C N R 77  
DG  "O4'"  O N N 78  
DG  "C3'"  C N S 79  
DG  "O3'"  O N N 80  
DG  "C2'"  C N N 81  
DG  "C1'"  C N R 82  
DG  N9     N Y N 83  
DG  C8     C Y N 84  
DG  N7     N Y N 85  
DG  C5     C Y N 86  
DG  C6     C N N 87  
DG  O6     O N N 88  
DG  N1     N N N 89  
DG  C2     C N N 90  
DG  N2     N N N 91  
DG  N3     N N N 92  
DG  C4     C Y N 93  
DG  HOP3   H N N 94  
DG  HOP2   H N N 95  
DG  "H5'"  H N N 96  
DG  "H5''" H N N 97  
DG  "H4'"  H N N 98  
DG  "H3'"  H N N 99  
DG  "HO3'" H N N 100 
DG  "H2'"  H N N 101 
DG  "H2''" H N N 102 
DG  "H1'"  H N N 103 
DG  H8     H N N 104 
DG  H1     H N N 105 
DG  H21    H N N 106 
DG  H22    H N N 107 
DT  OP3    O N N 108 
DT  P      P N N 109 
DT  OP1    O N N 110 
DT  OP2    O N N 111 
DT  "O5'"  O N N 112 
DT  "C5'"  C N N 113 
DT  "C4'"  C N R 114 
DT  "O4'"  O N N 115 
DT  "C3'"  C N S 116 
DT  "O3'"  O N N 117 
DT  "C2'"  C N N 118 
DT  "C1'"  C N R 119 
DT  N1     N N N 120 
DT  C2     C N N 121 
DT  O2     O N N 122 
DT  N3     N N N 123 
DT  C4     C N N 124 
DT  O4     O N N 125 
DT  C5     C N N 126 
DT  C7     C N N 127 
DT  C6     C N N 128 
DT  HOP3   H N N 129 
DT  HOP2   H N N 130 
DT  "H5'"  H N N 131 
DT  "H5''" H N N 132 
DT  "H4'"  H N N 133 
DT  "H3'"  H N N 134 
DT  "HO3'" H N N 135 
DT  "H2'"  H N N 136 
DT  "H2''" H N N 137 
DT  "H1'"  H N N 138 
DT  H3     H N N 139 
DT  H71    H N N 140 
DT  H72    H N N 141 
DT  H73    H N N 142 
DT  H6     H N N 143 
HOH O      O N N 144 
HOH H1     H N N 145 
HOH H2     H N N 146 
NT  C1     C N N 147 
NT  N1     N N N 148 
NT  N2     N N N 149 
NT  N3     N N N 150 
NT  C2     C N N 151 
NT  C3     C N N 152 
NT  O1     O N N 153 
NT  N4     N N N 154 
NT  C4     C Y N 155 
NT  C5     C Y N 156 
NT  C6     C Y N 157 
NT  N5     N Y N 158 
NT  C8     C N N 159 
NT  C7     C Y N 160 
NT  C9     C N N 161 
NT  O2     O N N 162 
NT  N6     N N N 163 
NT  C10    C Y N 164 
NT  C11    C Y N 165 
NT  C12    C Y N 166 
NT  N7     N Y N 167 
NT  C14    C N N 168 
NT  C13    C Y N 169 
NT  C15    C N N 170 
NT  O3     O N N 171 
NT  N8     N N N 172 
NT  C16    C N N 173 
NT  C17    C N N 174 
NT  C18    C N N 175 
NT  N9     N N N 176 
NT  N10    N N N 177 
NT  HN1    H N N 178 
NT  HN21   H N N 179 
NT  HN22   H N N 180 
NT  HN3    H N N 181 
NT  H21    H N N 182 
NT  H22    H N N 183 
NT  HN4    H N N 184 
NT  H5     H N N 185 
NT  H81    H N N 186 
NT  H82    H N N 187 
NT  H83    H N N 188 
NT  H7     H N N 189 
NT  HN6    H N N 190 
NT  H11    H N N 191 
NT  H141   H N N 192 
NT  H142   H N N 193 
NT  H143   H N N 194 
NT  H13    H N N 195 
NT  HN8    H N N 196 
NT  H161   H N N 197 
NT  H162   H N N 198 
NT  H171   H N N 199 
NT  H172   H N N 200 
NT  HN9    H N N 201 
NT  HN01   H N N 202 
NT  HN02   H N N 203 
# 
loop_
_chem_comp_bond.comp_id 
_chem_comp_bond.atom_id_1 
_chem_comp_bond.atom_id_2 
_chem_comp_bond.value_order 
_chem_comp_bond.pdbx_aromatic_flag 
_chem_comp_bond.pdbx_stereo_config 
_chem_comp_bond.pdbx_ordinal 
DA  OP3   P      sing N N 1   
DA  OP3   HOP3   sing N N 2   
DA  P     OP1    doub N N 3   
DA  P     OP2    sing N N 4   
DA  P     "O5'"  sing N N 5   
DA  OP2   HOP2   sing N N 6   
DA  "O5'" "C5'"  sing N N 7   
DA  "C5'" "C4'"  sing N N 8   
DA  "C5'" "H5'"  sing N N 9   
DA  "C5'" "H5''" sing N N 10  
DA  "C4'" "O4'"  sing N N 11  
DA  "C4'" "C3'"  sing N N 12  
DA  "C4'" "H4'"  sing N N 13  
DA  "O4'" "C1'"  sing N N 14  
DA  "C3'" "O3'"  sing N N 15  
DA  "C3'" "C2'"  sing N N 16  
DA  "C3'" "H3'"  sing N N 17  
DA  "O3'" "HO3'" sing N N 18  
DA  "C2'" "C1'"  sing N N 19  
DA  "C2'" "H2'"  sing N N 20  
DA  "C2'" "H2''" sing N N 21  
DA  "C1'" N9     sing N N 22  
DA  "C1'" "H1'"  sing N N 23  
DA  N9    C8     sing Y N 24  
DA  N9    C4     sing Y N 25  
DA  C8    N7     doub Y N 26  
DA  C8    H8     sing N N 27  
DA  N7    C5     sing Y N 28  
DA  C5    C6     sing Y N 29  
DA  C5    C4     doub Y N 30  
DA  C6    N6     sing N N 31  
DA  C6    N1     doub Y N 32  
DA  N6    H61    sing N N 33  
DA  N6    H62    sing N N 34  
DA  N1    C2     sing Y N 35  
DA  C2    N3     doub Y N 36  
DA  C2    H2     sing N N 37  
DA  N3    C4     sing Y N 38  
DC  OP3   P      sing N N 39  
DC  OP3   HOP3   sing N N 40  
DC  P     OP1    doub N N 41  
DC  P     OP2    sing N N 42  
DC  P     "O5'"  sing N N 43  
DC  OP2   HOP2   sing N N 44  
DC  "O5'" "C5'"  sing N N 45  
DC  "C5'" "C4'"  sing N N 46  
DC  "C5'" "H5'"  sing N N 47  
DC  "C5'" "H5''" sing N N 48  
DC  "C4'" "O4'"  sing N N 49  
DC  "C4'" "C3'"  sing N N 50  
DC  "C4'" "H4'"  sing N N 51  
DC  "O4'" "C1'"  sing N N 52  
DC  "C3'" "O3'"  sing N N 53  
DC  "C3'" "C2'"  sing N N 54  
DC  "C3'" "H3'"  sing N N 55  
DC  "O3'" "HO3'" sing N N 56  
DC  "C2'" "C1'"  sing N N 57  
DC  "C2'" "H2'"  sing N N 58  
DC  "C2'" "H2''" sing N N 59  
DC  "C1'" N1     sing N N 60  
DC  "C1'" "H1'"  sing N N 61  
DC  N1    C2     sing N N 62  
DC  N1    C6     sing N N 63  
DC  C2    O2     doub N N 64  
DC  C2    N3     sing N N 65  
DC  N3    C4     doub N N 66  
DC  C4    N4     sing N N 67  
DC  C4    C5     sing N N 68  
DC  N4    H41    sing N N 69  
DC  N4    H42    sing N N 70  
DC  C5    C6     doub N N 71  
DC  C5    H5     sing N N 72  
DC  C6    H6     sing N N 73  
DG  OP3   P      sing N N 74  
DG  OP3   HOP3   sing N N 75  
DG  P     OP1    doub N N 76  
DG  P     OP2    sing N N 77  
DG  P     "O5'"  sing N N 78  
DG  OP2   HOP2   sing N N 79  
DG  "O5'" "C5'"  sing N N 80  
DG  "C5'" "C4'"  sing N N 81  
DG  "C5'" "H5'"  sing N N 82  
DG  "C5'" "H5''" sing N N 83  
DG  "C4'" "O4'"  sing N N 84  
DG  "C4'" "C3'"  sing N N 85  
DG  "C4'" "H4'"  sing N N 86  
DG  "O4'" "C1'"  sing N N 87  
DG  "C3'" "O3'"  sing N N 88  
DG  "C3'" "C2'"  sing N N 89  
DG  "C3'" "H3'"  sing N N 90  
DG  "O3'" "HO3'" sing N N 91  
DG  "C2'" "C1'"  sing N N 92  
DG  "C2'" "H2'"  sing N N 93  
DG  "C2'" "H2''" sing N N 94  
DG  "C1'" N9     sing N N 95  
DG  "C1'" "H1'"  sing N N 96  
DG  N9    C8     sing Y N 97  
DG  N9    C4     sing Y N 98  
DG  C8    N7     doub Y N 99  
DG  C8    H8     sing N N 100 
DG  N7    C5     sing Y N 101 
DG  C5    C6     sing N N 102 
DG  C5    C4     doub Y N 103 
DG  C6    O6     doub N N 104 
DG  C6    N1     sing N N 105 
DG  N1    C2     sing N N 106 
DG  N1    H1     sing N N 107 
DG  C2    N2     sing N N 108 
DG  C2    N3     doub N N 109 
DG  N2    H21    sing N N 110 
DG  N2    H22    sing N N 111 
DG  N3    C4     sing N N 112 
DT  OP3   P      sing N N 113 
DT  OP3   HOP3   sing N N 114 
DT  P     OP1    doub N N 115 
DT  P     OP2    sing N N 116 
DT  P     "O5'"  sing N N 117 
DT  OP2   HOP2   sing N N 118 
DT  "O5'" "C5'"  sing N N 119 
DT  "C5'" "C4'"  sing N N 120 
DT  "C5'" "H5'"  sing N N 121 
DT  "C5'" "H5''" sing N N 122 
DT  "C4'" "O4'"  sing N N 123 
DT  "C4'" "C3'"  sing N N 124 
DT  "C4'" "H4'"  sing N N 125 
DT  "O4'" "C1'"  sing N N 126 
DT  "C3'" "O3'"  sing N N 127 
DT  "C3'" "C2'"  sing N N 128 
DT  "C3'" "H3'"  sing N N 129 
DT  "O3'" "HO3'" sing N N 130 
DT  "C2'" "C1'"  sing N N 131 
DT  "C2'" "H2'"  sing N N 132 
DT  "C2'" "H2''" sing N N 133 
DT  "C1'" N1     sing N N 134 
DT  "C1'" "H1'"  sing N N 135 
DT  N1    C2     sing N N 136 
DT  N1    C6     sing N N 137 
DT  C2    O2     doub N N 138 
DT  C2    N3     sing N N 139 
DT  N3    C4     sing N N 140 
DT  N3    H3     sing N N 141 
DT  C4    O4     doub N N 142 
DT  C4    C5     sing N N 143 
DT  C5    C7     sing N N 144 
DT  C5    C6     doub N N 145 
DT  C7    H71    sing N N 146 
DT  C7    H72    sing N N 147 
DT  C7    H73    sing N N 148 
DT  C6    H6     sing N N 149 
HOH O     H1     sing N N 150 
HOH O     H2     sing N N 151 
NT  C1    N1     doub N N 152 
NT  C1    N2     sing N N 153 
NT  C1    N3     sing N N 154 
NT  N1    HN1    sing N N 155 
NT  N2    HN21   sing N N 156 
NT  N2    HN22   sing N N 157 
NT  N3    C2     sing N N 158 
NT  N3    HN3    sing N N 159 
NT  C2    C3     sing N N 160 
NT  C2    H21    sing N N 161 
NT  C2    H22    sing N N 162 
NT  C3    O1     doub N N 163 
NT  C3    N4     sing N N 164 
NT  N4    C4     sing N N 165 
NT  N4    HN4    sing N N 166 
NT  C4    C5     sing Y N 167 
NT  C4    C7     doub Y N 168 
NT  C5    C6     doub Y N 169 
NT  C5    H5     sing N N 170 
NT  C6    N5     sing Y N 171 
NT  C6    C9     sing N N 172 
NT  N5    C8     sing N N 173 
NT  N5    C7     sing Y N 174 
NT  C8    H81    sing N N 175 
NT  C8    H82    sing N N 176 
NT  C8    H83    sing N N 177 
NT  C7    H7     sing N N 178 
NT  C9    O2     doub N N 179 
NT  C9    N6     sing N N 180 
NT  N6    C10    sing N N 181 
NT  N6    HN6    sing N N 182 
NT  C10   C11    sing Y N 183 
NT  C10   C13    doub Y N 184 
NT  C11   C12    doub Y N 185 
NT  C11   H11    sing N N 186 
NT  C12   N7     sing Y N 187 
NT  C12   C15    sing N N 188 
NT  N7    C14    sing N N 189 
NT  N7    C13    sing Y N 190 
NT  C14   H141   sing N N 191 
NT  C14   H142   sing N N 192 
NT  C14   H143   sing N N 193 
NT  C13   H13    sing N N 194 
NT  C15   O3     doub N N 195 
NT  C15   N8     sing N N 196 
NT  N8    C16    sing N N 197 
NT  N8    HN8    sing N N 198 
NT  C16   C17    sing N N 199 
NT  C16   H161   sing N N 200 
NT  C16   H162   sing N N 201 
NT  C17   C18    sing N N 202 
NT  C17   H171   sing N N 203 
NT  C17   H172   sing N N 204 
NT  C18   N9     doub N N 205 
NT  C18   N10    sing N N 206 
NT  N9    HN9    sing N N 207 
NT  N10   HN01   sing N N 208 
NT  N10   HN02   sing N N 209 
# 
loop_
_ndb_struct_conf_na.entry_id 
_ndb_struct_conf_na.feature 
121D 'double helix'        
121D 'b-form double helix' 
# 
loop_
_ndb_struct_na_base_pair.model_number 
_ndb_struct_na_base_pair.i_label_asym_id 
_ndb_struct_na_base_pair.i_label_comp_id 
_ndb_struct_na_base_pair.i_label_seq_id 
_ndb_struct_na_base_pair.i_symmetry 
_ndb_struct_na_base_pair.j_label_asym_id 
_ndb_struct_na_base_pair.j_label_comp_id 
_ndb_struct_na_base_pair.j_label_seq_id 
_ndb_struct_na_base_pair.j_symmetry 
_ndb_struct_na_base_pair.shear 
_ndb_struct_na_base_pair.stretch 
_ndb_struct_na_base_pair.stagger 
_ndb_struct_na_base_pair.buckle 
_ndb_struct_na_base_pair.propeller 
_ndb_struct_na_base_pair.opening 
_ndb_struct_na_base_pair.pair_number 
_ndb_struct_na_base_pair.pair_name 
_ndb_struct_na_base_pair.i_auth_asym_id 
_ndb_struct_na_base_pair.i_auth_seq_id 
_ndb_struct_na_base_pair.i_PDB_ins_code 
_ndb_struct_na_base_pair.j_auth_asym_id 
_ndb_struct_na_base_pair.j_auth_seq_id 
_ndb_struct_na_base_pair.j_PDB_ins_code 
_ndb_struct_na_base_pair.hbond_type_28 
_ndb_struct_na_base_pair.hbond_type_12 
1 A DC 1  1_555 B DG 12 1_555 0.407  -0.467 0.576  -6.543  8.236   -0.237  1  A_DC1:DG24_B  A 1  ? B 24 ? 19 1 
1 A DG 2  1_555 B DC 11 1_555 -0.075 0.032  -0.051 -5.263  -21.980 3.676   2  A_DG2:DC23_B  A 2  ? B 23 ? 19 1 
1 A DC 3  1_555 B DG 10 1_555 -0.166 -0.207 -0.560 -2.440  -5.545  -2.446  3  A_DC3:DG22_B  A 3  ? B 22 ? 19 1 
1 A DA 4  1_555 B DT 9  1_555 0.282  -0.412 1.151  -1.883  -1.149  1.000   4  A_DA4:DT21_B  A 4  ? B 21 ? 20 1 
1 A DA 5  1_555 B DT 8  1_555 0.434  -0.287 0.306  -9.974  -12.168 -0.666  5  A_DA5:DT20_B  A 5  ? B 20 ? 20 1 
1 A DA 6  1_555 B DT 7  1_555 0.444  -0.162 0.171  12.296  -25.798 -11.071 6  A_DA6:DT19_B  A 6  ? B 19 ? 20 1 
1 A DT 7  1_555 B DA 6  1_555 -0.166 0.174  -0.030 -0.984  -12.041 12.978  7  A_DT7:DA18_B  A 7  ? B 18 ? ?  1 
1 A DT 8  1_555 B DA 5  1_555 -0.659 0.098  0.166  -12.685 -16.903 5.190   8  A_DT8:DA17_B  A 8  ? B 17 ? 20 1 
1 A DT 9  1_555 B DA 4  1_555 -0.008 -0.273 0.453  -23.609 -14.498 -12.131 9  A_DT9:DA16_B  A 9  ? B 16 ? 20 1 
1 A DG 10 1_555 B DC 3  1_555 -0.072 -0.194 -0.367 -6.308  -16.514 4.204   10 A_DG10:DC15_B A 10 ? B 15 ? 19 1 
1 A DC 11 1_555 B DG 2  1_555 1.358  -0.658 -0.559 2.423   -23.798 4.966   11 A_DC11:DG14_B A 11 ? B 14 ? 19 1 
1 A DG 12 1_555 B DC 1  1_555 -0.652 -0.313 0.330  16.235  0.473   -6.590  12 A_DG12:DC13_B A 12 ? B 13 ? 19 1 
# 
loop_
_ndb_struct_na_base_pair_step.model_number 
_ndb_struct_na_base_pair_step.i_label_asym_id_1 
_ndb_struct_na_base_pair_step.i_label_comp_id_1 
_ndb_struct_na_base_pair_step.i_label_seq_id_1 
_ndb_struct_na_base_pair_step.i_symmetry_1 
_ndb_struct_na_base_pair_step.j_label_asym_id_1 
_ndb_struct_na_base_pair_step.j_label_comp_id_1 
_ndb_struct_na_base_pair_step.j_label_seq_id_1 
_ndb_struct_na_base_pair_step.j_symmetry_1 
_ndb_struct_na_base_pair_step.i_label_asym_id_2 
_ndb_struct_na_base_pair_step.i_label_comp_id_2 
_ndb_struct_na_base_pair_step.i_label_seq_id_2 
_ndb_struct_na_base_pair_step.i_symmetry_2 
_ndb_struct_na_base_pair_step.j_label_asym_id_2 
_ndb_struct_na_base_pair_step.j_label_comp_id_2 
_ndb_struct_na_base_pair_step.j_label_seq_id_2 
_ndb_struct_na_base_pair_step.j_symmetry_2 
_ndb_struct_na_base_pair_step.shift 
_ndb_struct_na_base_pair_step.slide 
_ndb_struct_na_base_pair_step.rise 
_ndb_struct_na_base_pair_step.tilt 
_ndb_struct_na_base_pair_step.roll 
_ndb_struct_na_base_pair_step.twist 
_ndb_struct_na_base_pair_step.x_displacement 
_ndb_struct_na_base_pair_step.y_displacement 
_ndb_struct_na_base_pair_step.helical_rise 
_ndb_struct_na_base_pair_step.inclination 
_ndb_struct_na_base_pair_step.tip 
_ndb_struct_na_base_pair_step.helical_twist 
_ndb_struct_na_base_pair_step.step_number 
_ndb_struct_na_base_pair_step.step_name 
_ndb_struct_na_base_pair_step.i_auth_asym_id_1 
_ndb_struct_na_base_pair_step.i_auth_seq_id_1 
_ndb_struct_na_base_pair_step.i_PDB_ins_code_1 
_ndb_struct_na_base_pair_step.j_auth_asym_id_1 
_ndb_struct_na_base_pair_step.j_auth_seq_id_1 
_ndb_struct_na_base_pair_step.j_PDB_ins_code_1 
_ndb_struct_na_base_pair_step.i_auth_asym_id_2 
_ndb_struct_na_base_pair_step.i_auth_seq_id_2 
_ndb_struct_na_base_pair_step.i_PDB_ins_code_2 
_ndb_struct_na_base_pair_step.j_auth_asym_id_2 
_ndb_struct_na_base_pair_step.j_auth_seq_id_2 
_ndb_struct_na_base_pair_step.j_PDB_ins_code_2 
1 A DC 1  1_555 B DG 12 1_555 A DG 2  1_555 B DC 11 1_555 -0.422 0.525  3.278 5.167   -0.587 38.233 0.867  1.273  3.188 -0.891  
-7.845 38.572 1  AA_DC1DG2:DC23DG24_BB   A 1  ? B 24 ? A 2  ? B 23 ? 
1 A DG 2  1_555 B DC 11 1_555 A DC 3  1_555 B DG 10 1_555 0.133  0.167  3.413 2.119   1.139  37.341 0.105  0.085  3.419 1.777   
-3.306 37.416 2  AA_DG2DC3:DG22DC23_BB   A 2  ? B 23 ? A 3  ? B 22 ? 
1 A DC 3  1_555 B DG 10 1_555 A DA 4  1_555 B DT 9  1_555 -0.543 0.422  3.715 -12.634 8.975  30.925 -0.946 -1.417 3.641 15.658  
22.042 34.506 3  AA_DC3DA4:DT21DG22_BB   A 3  ? B 22 ? A 4  ? B 21 ? 
1 A DA 4  1_555 B DT 9  1_555 A DA 5  1_555 B DT 8  1_555 -0.575 -0.257 3.461 2.137   -0.830 32.903 -0.304 1.395  3.424 -1.462  
-3.768 32.980 4  AA_DA4DA5:DT20DT21_BB   A 4  ? B 21 ? A 5  ? B 20 ? 
1 A DA 5  1_555 B DT 8  1_555 A DA 6  1_555 B DT 7  1_555 -0.847 -0.507 2.596 -4.512  -6.752 39.926 -0.116 0.807  2.719 -9.766  
6.526  40.711 5  AA_DA5DA6:DT19DT20_BB   A 5  ? B 20 ? A 6  ? B 19 ? 
1 A DA 6  1_555 B DT 7  1_555 A DT 7  1_555 B DA 6  1_555 1.187  -0.731 3.425 4.005   2.881  29.229 -2.073 -1.425 3.466 5.657   
-7.866 29.634 6  AA_DA6DT7:DA18DT19_BB   A 6  ? B 19 ? A 7  ? B 18 ? 
1 A DT 7  1_555 B DA 6  1_555 A DT 8  1_555 B DA 5  1_555 -0.410 0.356  3.744 -1.522  3.267  34.888 0.026  0.417  3.774 5.431   
2.530  35.068 7  AA_DT7DT8:DA17DA18_BB   A 7  ? B 18 ? A 8  ? B 17 ? 
1 A DT 8  1_555 B DA 5  1_555 A DT 9  1_555 B DA 4  1_555 -0.798 0.072  3.747 -1.256  -0.600 43.427 0.164  0.938  3.766 -0.811  
1.696  43.449 8  AA_DT8DT9:DA16DA17_BB   A 8  ? B 17 ? A 9  ? B 16 ? 
1 A DT 9  1_555 B DA 4  1_555 A DG 10 1_555 B DC 3  1_555 0.718  1.350  3.070 1.266   -3.914 33.042 2.956  -1.060 2.920 -6.848  
-2.215 33.290 9  AA_DT9DG10:DC15DA16_BB  A 9  ? B 16 ? A 10 ? B 15 ? 
1 A DG 10 1_555 B DC 3  1_555 A DC 11 1_555 B DG 2  1_555 -0.246 0.850  2.885 4.778   -8.367 44.401 1.737  0.681  2.652 -10.919 
-6.235 45.383 10 AA_DG10DC11:DG14DC15_BB A 10 ? B 15 ? A 11 ? B 14 ? 
1 A DC 11 1_555 B DG 2  1_555 A DG 12 1_555 B DC 1  1_555 0.217  0.687  3.022 -4.008  5.568  28.395 0.225  -1.249 3.040 11.147  
8.024  29.196 11 AA_DC11DG12:DC13DG14_BB A 11 ? B 14 ? A 12 ? B 13 ? 
# 
_atom_sites.entry_id                    121D 
_atom_sites.fract_transf_matrix[1][1]   0.00853514 
_atom_sites.fract_transf_matrix[1][2]   -0.02436274 
_atom_sites.fract_transf_matrix[1][3]   -0.02921500 
_atom_sites.fract_transf_matrix[2][1]   -0.01371746 
_atom_sites.fract_transf_matrix[2][2]   0.01277098 
_atom_sites.fract_transf_matrix[2][3]   -0.01465742 
_atom_sites.fract_transf_matrix[3][1]   0.01204963 
_atom_sites.fract_transf_matrix[3][2]   0.00867763 
_atom_sites.fract_transf_matrix[3][3]   -0.00371609 
_atom_sites.fract_transf_vector[1]      0.579900 
_atom_sites.fract_transf_vector[2]      0.531548 
_atom_sites.fract_transf_vector[3]      1.133287 
# 
loop_
_atom_type.symbol 
C 
N 
O 
P 
# 
loop_
_atom_site.group_PDB 
_atom_site.id 
_atom_site.type_symbol 
_atom_site.label_atom_id 
_atom_site.label_alt_id 
_atom_site.label_comp_id 
_atom_site.label_asym_id 
_atom_site.label_entity_id 
_atom_site.label_seq_id 
_atom_site.pdbx_PDB_ins_code 
_atom_site.Cartn_x 
_atom_site.Cartn_y 
_atom_site.Cartn_z 
_atom_site.occupancy 
_atom_site.B_iso_or_equiv 
_atom_site.pdbx_formal_charge 
_atom_site.auth_seq_id 
_atom_site.auth_comp_id 
_atom_site.auth_asym_id 
_atom_site.auth_atom_id 
_atom_site.pdbx_PDB_model_num 
ATOM   1   O "O5'" . DC  A 1 1  ? 7.816   13.915  -14.510 1.00 18.83 ? 1  DC  A "O5'" 1 
ATOM   2   C "C5'" . DC  A 1 1  ? 6.655   13.030  -14.638 1.00 19.20 ? 1  DC  A "C5'" 1 
ATOM   3   C "C4'" . DC  A 1 1  ? 6.994   11.531  -14.933 1.00 19.48 ? 1  DC  A "C4'" 1 
ATOM   4   O "O4'" . DC  A 1 1  ? 8.059   11.128  -14.033 1.00 18.05 ? 1  DC  A "O4'" 1 
ATOM   5   C "C3'" . DC  A 1 1  ? 5.862   10.573  -14.706 1.00 19.52 ? 1  DC  A "C3'" 1 
ATOM   6   O "O3'" . DC  A 1 1  ? 5.920   9.401   -15.529 1.00 23.17 ? 1  DC  A "O3'" 1 
ATOM   7   C "C2'" . DC  A 1 1  ? 6.077   10.413  -13.184 1.00 20.68 ? 1  DC  A "C2'" 1 
ATOM   8   C "C1'" . DC  A 1 1  ? 7.589   10.443  -12.898 1.00 22.04 ? 1  DC  A "C1'" 1 
ATOM   9   N N1    . DC  A 1 1  ? 8.115   11.173  -11.681 1.00 26.46 ? 1  DC  A N1    1 
ATOM   10  C C2    . DC  A 1 1  ? 9.148   10.598  -10.947 1.00 28.35 ? 1  DC  A C2    1 
ATOM   11  O O2    . DC  A 1 1  ? 9.696   9.550   -11.262 1.00 27.93 ? 1  DC  A O2    1 
ATOM   12  N N3    . DC  A 1 1  ? 9.590   11.206  -9.828  1.00 29.29 ? 1  DC  A N3    1 
ATOM   13  C C4    . DC  A 1 1  ? 9.067   12.339  -9.402  1.00 28.11 ? 1  DC  A C4    1 
ATOM   14  N N4    . DC  A 1 1  ? 9.518   12.866  -8.265  1.00 29.78 ? 1  DC  A N4    1 
ATOM   15  C C5    . DC  A 1 1  ? 8.036   12.965  -10.146 1.00 28.88 ? 1  DC  A C5    1 
ATOM   16  C C6    . DC  A 1 1  ? 7.597   12.361  -11.270 1.00 26.62 ? 1  DC  A C6    1 
ATOM   17  P P     . DG  A 1 2  ? 5.050   8.059   -15.174 1.00 28.48 ? 2  DG  A P     1 
ATOM   18  O OP1   . DG  A 1 2  ? 4.671   7.361   -16.428 1.00 26.85 ? 2  DG  A OP1   1 
ATOM   19  O OP2   . DG  A 1 2  ? 3.975   8.542   -14.253 1.00 28.43 ? 2  DG  A OP2   1 
ATOM   20  O "O5'" . DG  A 1 2  ? 5.915   6.971   -14.326 1.00 22.29 ? 2  DG  A "O5'" 1 
ATOM   21  C "C5'" . DG  A 1 2  ? 6.574   6.058   -15.179 1.00 18.83 ? 2  DG  A "C5'" 1 
ATOM   22  C "C4'" . DG  A 1 2  ? 7.525   5.101   -14.595 1.00 18.03 ? 2  DG  A "C4'" 1 
ATOM   23  O "O4'" . DG  A 1 2  ? 8.564   5.695   -13.803 1.00 18.33 ? 2  DG  A "O4'" 1 
ATOM   24  C "C3'" . DG  A 1 2  ? 6.864   4.056   -13.776 1.00 17.32 ? 2  DG  A "C3'" 1 
ATOM   25  O "O3'" . DG  A 1 2  ? 7.580   2.913   -14.008 1.00 21.60 ? 2  DG  A "O3'" 1 
ATOM   26  C "C2'" . DG  A 1 2  ? 7.006   4.528   -12.396 1.00 17.77 ? 2  DG  A "C2'" 1 
ATOM   27  C "C1'" . DG  A 1 2  ? 8.286   5.394   -12.388 1.00 19.88 ? 2  DG  A "C1'" 1 
ATOM   28  N N9    . DG  A 1 2  ? 7.907   6.454   -11.402 1.00 21.98 ? 2  DG  A N9    1 
ATOM   29  C C8    . DG  A 1 2  ? 6.779   7.206   -11.383 1.00 23.19 ? 2  DG  A C8    1 
ATOM   30  N N7    . DG  A 1 2  ? 6.615   7.989   -10.374 1.00 25.21 ? 2  DG  A N7    1 
ATOM   31  C C5    . DG  A 1 2  ? 7.759   7.789   -9.648  1.00 24.55 ? 2  DG  A C5    1 
ATOM   32  C C6    . DG  A 1 2  ? 8.139   8.418   -8.455  1.00 26.59 ? 2  DG  A C6    1 
ATOM   33  O O6    . DG  A 1 2  ? 7.519   9.284   -7.828  1.00 30.78 ? 2  DG  A O6    1 
ATOM   34  N N1    . DG  A 1 2  ? 9.381   7.942   -8.021  1.00 26.34 ? 2  DG  A N1    1 
ATOM   35  C C2    . DG  A 1 2  ? 10.147  7.003   -8.672  1.00 22.69 ? 2  DG  A C2    1 
ATOM   36  N N2    . DG  A 1 2  ? 11.280  6.651   -8.107  1.00 21.66 ? 2  DG  A N2    1 
ATOM   37  N N3    . DG  A 1 2  ? 9.779   6.437   -9.824  1.00 22.45 ? 2  DG  A N3    1 
ATOM   38  C C4    . DG  A 1 2  ? 8.577   6.870   -10.261 1.00 23.63 ? 2  DG  A C4    1 
ATOM   39  P P     . DC  A 1 3  ? 7.030   1.601   -13.394 1.00 24.43 ? 3  DC  A P     1 
ATOM   40  O OP1   . DC  A 1 3  ? 7.536   0.617   -14.380 1.00 22.62 ? 3  DC  A OP1   1 
ATOM   41  O OP2   . DC  A 1 3  ? 5.574   1.779   -13.155 1.00 20.35 ? 3  DC  A OP2   1 
ATOM   42  O "O5'" . DC  A 1 3  ? 7.753   1.455   -11.967 1.00 24.01 ? 3  DC  A "O5'" 1 
ATOM   43  C "C5'" . DC  A 1 3  ? 9.090   0.950   -11.911 1.00 24.06 ? 3  DC  A "C5'" 1 
ATOM   44  C "C4'" . DC  A 1 3  ? 9.542   0.777   -10.486 1.00 27.79 ? 3  DC  A "C4'" 1 
ATOM   45  O "O4'" . DC  A 1 3  ? 9.205   2.017   -9.978  1.00 30.18 ? 3  DC  A "O4'" 1 
ATOM   46  C "C3'" . DC  A 1 3  ? 8.675   -0.125  -9.611  1.00 30.16 ? 3  DC  A "C3'" 1 
ATOM   47  O "O3'" . DC  A 1 3  ? 9.417   -1.298  -9.386  1.00 33.32 ? 3  DC  A "O3'" 1 
ATOM   48  C "C2'" . DC  A 1 3  ? 8.503   0.642   -8.324  1.00 31.45 ? 3  DC  A "C2'" 1 
ATOM   49  C "C1'" . DC  A 1 3  ? 9.052   2.032   -8.567  1.00 33.55 ? 3  DC  A "C1'" 1 
ATOM   50  N N1    . DC  A 1 3  ? 8.099   3.138   -8.285  1.00 38.14 ? 3  DC  A N1    1 
ATOM   51  C C2    . DC  A 1 3  ? 8.353   3.995   -7.245  1.00 40.93 ? 3  DC  A C2    1 
ATOM   52  O O2    . DC  A 1 3  ? 9.332   3.826   -6.524  1.00 41.68 ? 3  DC  A O2    1 
ATOM   53  N N3    . DC  A 1 3  ? 7.485   5.033   -7.022  1.00 43.67 ? 3  DC  A N3    1 
ATOM   54  C C4    . DC  A 1 3  ? 6.387   5.202   -7.769  1.00 44.10 ? 3  DC  A C4    1 
ATOM   55  N N4    . DC  A 1 3  ? 5.538   6.200   -7.508  1.00 46.29 ? 3  DC  A N4    1 
ATOM   56  C C5    . DC  A 1 3  ? 6.113   4.311   -8.845  1.00 43.66 ? 3  DC  A C5    1 
ATOM   57  C C6    . DC  A 1 3  ? 6.991   3.307   -9.063  1.00 41.15 ? 3  DC  A C6    1 
ATOM   58  P P     . DA  A 1 4  ? 8.895   -2.504  -8.509  1.00 35.34 ? 4  DA  A P     1 
ATOM   59  O OP1   . DA  A 1 4  ? 9.615   -3.715  -8.941  1.00 36.65 ? 4  DA  A OP1   1 
ATOM   60  O OP2   . DA  A 1 4  ? 7.421   -2.510  -8.477  1.00 35.40 ? 4  DA  A OP2   1 
ATOM   61  O "O5'" . DA  A 1 4  ? 9.379   -2.012  -7.072  1.00 34.01 ? 4  DA  A "O5'" 1 
ATOM   62  C "C5'" . DA  A 1 4  ? 10.740  -1.685  -6.799  1.00 32.63 ? 4  DA  A "C5'" 1 
ATOM   63  C "C4'" . DA  A 1 4  ? 10.846  -1.316  -5.324  1.00 32.83 ? 4  DA  A "C4'" 1 
ATOM   64  O "O4'" . DA  A 1 4  ? 10.071  -0.160  -4.929  1.00 30.52 ? 4  DA  A "O4'" 1 
ATOM   65  C "C3'" . DA  A 1 4  ? 10.307  -2.449  -4.505  1.00 33.45 ? 4  DA  A "C3'" 1 
ATOM   66  O "O3'" . DA  A 1 4  ? 11.157  -2.682  -3.406  1.00 37.06 ? 4  DA  A "O3'" 1 
ATOM   67  C "C2'" . DA  A 1 4  ? 8.918   -1.962  -4.229  1.00 32.88 ? 4  DA  A "C2'" 1 
ATOM   68  C "C1'" . DA  A 1 4  ? 9.016   -0.471  -4.017  1.00 30.44 ? 4  DA  A "C1'" 1 
ATOM   69  N N9    . DA  A 1 4  ? 7.811   0.270   -4.473  1.00 31.50 ? 4  DA  A N9    1 
ATOM   70  C C8    . DA  A 1 4  ? 7.160   0.168   -5.641  1.00 31.47 ? 4  DA  A C8    1 
ATOM   71  N N7    . DA  A 1 4  ? 6.163   0.980   -5.827  1.00 31.95 ? 4  DA  A N7    1 
ATOM   72  C C5    . DA  A 1 4  ? 6.122   1.682   -4.654  1.00 31.67 ? 4  DA  A C5    1 
ATOM   73  C C6    . DA  A 1 4  ? 5.288   2.685   -4.210  1.00 33.06 ? 4  DA  A C6    1 
ATOM   74  N N6    . DA  A 1 4  ? 4.298   3.162   -4.956  1.00 34.54 ? 4  DA  A N6    1 
ATOM   75  N N1    . DA  A 1 4  ? 5.497   3.188   -2.989  1.00 33.44 ? 4  DA  A N1    1 
ATOM   76  C C2    . DA  A 1 4  ? 6.482   2.706   -2.262  1.00 32.81 ? 4  DA  A C2    1 
ATOM   77  N N3    . DA  A 1 4  ? 7.333   1.745   -2.576  1.00 33.73 ? 4  DA  A N3    1 
ATOM   78  C C4    . DA  A 1 4  ? 7.103   1.264   -3.811  1.00 31.59 ? 4  DA  A C4    1 
ATOM   79  P P     . DA  A 1 5  ? 10.770  -3.677  -2.246  1.00 39.18 ? 5  DA  A P     1 
ATOM   80  O OP1   . DA  A 1 5  ? 12.008  -4.301  -1.731  1.00 40.17 ? 5  DA  A OP1   1 
ATOM   81  O OP2   . DA  A 1 5  ? 9.666   -4.522  -2.760  1.00 39.91 ? 5  DA  A OP2   1 
ATOM   82  O "O5'" . DA  A 1 5  ? 10.180  -2.721  -1.124  1.00 36.69 ? 5  DA  A "O5'" 1 
ATOM   83  C "C5'" . DA  A 1 5  ? 11.064  -1.886  -0.382  1.00 33.01 ? 5  DA  A "C5'" 1 
ATOM   84  C "C4'" . DA  A 1 5  ? 10.263  -1.036  0.555   1.00 31.51 ? 5  DA  A "C4'" 1 
ATOM   85  O "O4'" . DA  A 1 5  ? 9.245   -0.429  -0.281  1.00 32.69 ? 5  DA  A "O4'" 1 
ATOM   86  C "C3'" . DA  A 1 5  ? 9.580   -1.870  1.689   1.00 29.22 ? 5  DA  A "C3'" 1 
ATOM   87  O "O3'" . DA  A 1 5  ? 9.615   -1.053  2.884   1.00 24.43 ? 5  DA  A "O3'" 1 
ATOM   88  C "C2'" . DA  A 1 5  ? 8.222   -2.086  1.022   1.00 30.29 ? 5  DA  A "C2'" 1 
ATOM   89  C "C1'" . DA  A 1 5  ? 7.969   -0.742  0.327   1.00 32.90 ? 5  DA  A "C1'" 1 
ATOM   90  N N9    . DA  A 1 5  ? 6.864   -0.665  -0.650  1.00 34.60 ? 5  DA  A N9    1 
ATOM   91  C C8    . DA  A 1 5  ? 6.670   -1.387  -1.762  1.00 35.40 ? 5  DA  A C8    1 
ATOM   92  N N7    . DA  A 1 5  ? 5.642   -1.059  -2.493  1.00 34.82 ? 5  DA  A N7    1 
ATOM   93  C C5    . DA  A 1 5  ? 5.067   -0.032  -1.772  1.00 34.98 ? 5  DA  A C5    1 
ATOM   94  C C6    . DA  A 1 5  ? 3.928   0.750   -1.994  1.00 35.36 ? 5  DA  A C6    1 
ATOM   95  N N6    . DA  A 1 5  ? 3.135   0.615   -3.070  1.00 36.52 ? 5  DA  A N6    1 
ATOM   96  N N1    . DA  A 1 5  ? 3.632   1.675   -1.067  1.00 34.95 ? 5  DA  A N1    1 
ATOM   97  C C2    . DA  A 1 5  ? 4.425   1.829   -0.013  1.00 35.73 ? 5  DA  A C2    1 
ATOM   98  N N3    . DA  A 1 5  ? 5.509   1.149   0.293   1.00 35.33 ? 5  DA  A N3    1 
ATOM   99  C C4    . DA  A 1 5  ? 5.792   0.217   -0.640  1.00 34.48 ? 5  DA  A C4    1 
ATOM   100 P P     . DA  A 1 6  ? 9.646   -1.445  4.462   1.00 18.87 ? 6  DA  A P     1 
ATOM   101 O OP1   . DA  A 1 6  ? 10.798  -0.813  5.153   1.00 15.88 ? 6  DA  A OP1   1 
ATOM   102 O OP2   . DA  A 1 6  ? 9.288   -2.867  4.696   1.00 19.47 ? 6  DA  A OP2   1 
ATOM   103 O "O5'" . DA  A 1 6  ? 8.351   -0.623  4.867   1.00 18.68 ? 6  DA  A "O5'" 1 
ATOM   104 C "C5'" . DA  A 1 6  ? 8.499   0.767   5.010   1.00 16.69 ? 6  DA  A "C5'" 1 
ATOM   105 C "C4'" . DA  A 1 6  ? 7.157   1.388   5.169   1.00 15.18 ? 6  DA  A "C4'" 1 
ATOM   106 O "O4'" . DA  A 1 6  ? 6.305   1.275   4.001   1.00 16.16 ? 6  DA  A "O4'" 1 
ATOM   107 C "C3'" . DA  A 1 6  ? 6.431   0.857   6.358   1.00 12.22 ? 6  DA  A "C3'" 1 
ATOM   108 O "O3'" . DA  A 1 6  ? 5.757   1.949   6.918   1.00 12.88 ? 6  DA  A "O3'" 1 
ATOM   109 C "C2'" . DA  A 1 6  ? 5.547   -0.102  5.660   1.00 14.17 ? 6  DA  A "C2'" 1 
ATOM   110 C "C1'" . DA  A 1 6  ? 5.108   0.690   4.428   1.00 16.89 ? 6  DA  A "C1'" 1 
ATOM   111 N N9    . DA  A 1 6  ? 4.495   -0.022  3.321   1.00 20.69 ? 6  DA  A N9    1 
ATOM   112 C C8    . DA  A 1 6  ? 4.736   -1.227  2.808   1.00 20.54 ? 6  DA  A C8    1 
ATOM   113 N N7    . DA  A 1 6  ? 4.026   -1.545  1.790   1.00 22.41 ? 6  DA  A N7    1 
ATOM   114 C C5    . DA  A 1 6  ? 3.231   -0.427  1.627   1.00 23.04 ? 6  DA  A C5    1 
ATOM   115 C C6    . DA  A 1 6  ? 2.246   -0.087  0.717   1.00 24.16 ? 6  DA  A C6    1 
ATOM   116 N N6    . DA  A 1 6  ? 1.863   -0.886  -0.244  1.00 26.19 ? 6  DA  A N6    1 
ATOM   117 N N1    . DA  A 1 6  ? 1.651   1.098   0.815   1.00 24.67 ? 6  DA  A N1    1 
ATOM   118 C C2    . DA  A 1 6  ? 2.016   1.898   1.791   1.00 26.23 ? 6  DA  A C2    1 
ATOM   119 N N3    . DA  A 1 6  ? 2.926   1.688   2.713   1.00 26.23 ? 6  DA  A N3    1 
ATOM   120 C C4    . DA  A 1 6  ? 3.507   0.493   2.565   1.00 23.39 ? 6  DA  A C4    1 
ATOM   121 P P     . DT  A 1 7  ? 5.161   1.800   8.386   1.00 14.66 ? 7  DT  A P     1 
ATOM   122 O OP1   . DT  A 1 7  ? 5.517   3.059   9.035   1.00 9.37  ? 7  DT  A OP1   1 
ATOM   123 O OP2   . DT  A 1 7  ? 5.560   0.474   8.964   1.00 9.31  ? 7  DT  A OP2   1 
ATOM   124 O "O5'" . DT  A 1 7  ? 3.569   1.705   8.106   1.00 12.52 ? 7  DT  A "O5'" 1 
ATOM   125 C "C5'" . DT  A 1 7  ? 2.863   2.887   7.808   1.00 14.77 ? 7  DT  A "C5'" 1 
ATOM   126 C "C4'" . DT  A 1 7  ? 1.527   2.626   7.202   1.00 15.49 ? 7  DT  A "C4'" 1 
ATOM   127 O "O4'" . DT  A 1 7  ? 1.606   1.878   5.965   1.00 17.31 ? 7  DT  A "O4'" 1 
ATOM   128 C "C3'" . DT  A 1 7  ? 0.639   1.884   8.058   1.00 16.80 ? 7  DT  A "C3'" 1 
ATOM   129 O "O3'" . DT  A 1 7  ? -0.548  2.637   7.994   1.00 15.58 ? 7  DT  A "O3'" 1 
ATOM   130 C "C2'" . DT  A 1 7  ? 0.489   0.594   7.365   1.00 20.16 ? 7  DT  A "C2'" 1 
ATOM   131 C "C1'" . DT  A 1 7  ? 0.492   0.965   5.931   1.00 24.99 ? 7  DT  A "C1'" 1 
ATOM   132 N N1    . DT  A 1 7  ? 0.747   -0.174  5.005   1.00 35.27 ? 7  DT  A N1    1 
ATOM   133 C C2    . DT  A 1 7  ? -0.029  -0.287  3.861   1.00 39.86 ? 7  DT  A C2    1 
ATOM   134 O O2    . DT  A 1 7  ? -0.943  0.480   3.576   1.00 42.41 ? 7  DT  A O2    1 
ATOM   135 N N3    . DT  A 1 7  ? 0.255   -1.337  3.019   1.00 43.07 ? 7  DT  A N3    1 
ATOM   136 C C4    . DT  A 1 7  ? 1.213   -2.293  3.206   1.00 44.39 ? 7  DT  A C4    1 
ATOM   137 O O4    . DT  A 1 7  ? 1.354   -3.186  2.363   1.00 47.13 ? 7  DT  A O4    1 
ATOM   138 C C5    . DT  A 1 7  ? 1.957   -2.109  4.438   1.00 42.03 ? 7  DT  A C5    1 
ATOM   139 C C7    . DT  A 1 7  ? 3.047   -3.105  4.832   1.00 43.56 ? 7  DT  A C7    1 
ATOM   140 C C6    . DT  A 1 7  ? 1.714   -1.084  5.269   1.00 38.57 ? 7  DT  A C6    1 
ATOM   141 P P     . DT  A 1 8  ? -1.043  3.285   9.388   1.00 15.29 ? 8  DT  A P     1 
ATOM   142 O OP1   . DT  A 1 8  ? -0.820  4.772   9.429   1.00 8.28  ? 8  DT  A OP1   1 
ATOM   143 O OP2   . DT  A 1 8  ? -0.525  2.430   10.484  1.00 13.33 ? 8  DT  A OP2   1 
ATOM   144 O "O5'" . DT  A 1 8  ? -2.590  2.927   9.126   1.00 11.75 ? 8  DT  A "O5'" 1 
ATOM   145 C "C5'" . DT  A 1 8  ? -3.227  3.676   8.080   1.00 13.21 ? 8  DT  A "C5'" 1 
ATOM   146 C "C4'" . DT  A 1 8  ? -4.107  2.804   7.200   1.00 14.38 ? 8  DT  A "C4'" 1 
ATOM   147 O "O4'" . DT  A 1 8  ? -3.384  1.631   6.951   1.00 16.87 ? 8  DT  A "O4'" 1 
ATOM   148 C "C3'" . DT  A 1 8  ? -5.369  2.228   7.770   1.00 15.34 ? 8  DT  A "C3'" 1 
ATOM   149 O "O3'" . DT  A 1 8  ? -6.351  3.194   7.466   1.00 15.13 ? 8  DT  A "O3'" 1 
ATOM   150 C "C2'" . DT  A 1 8  ? -5.528  0.887   7.045   1.00 17.59 ? 8  DT  A "C2'" 1 
ATOM   151 C "C1'" . DT  A 1 8  ? -4.288  0.781   6.253   1.00 19.81 ? 8  DT  A "C1'" 1 
ATOM   152 N N1    . DT  A 1 8  ? -3.640  -0.540  6.088   1.00 22.94 ? 8  DT  A N1    1 
ATOM   153 C C2    . DT  A 1 8  ? -4.033  -1.273  5.013   1.00 26.26 ? 8  DT  A C2    1 
ATOM   154 O O2    . DT  A 1 8  ? -5.022  -0.957  4.339   1.00 27.01 ? 8  DT  A O2    1 
ATOM   155 N N3    . DT  A 1 8  ? -3.272  -2.399  4.762   1.00 28.04 ? 8  DT  A N3    1 
ATOM   156 C C4    . DT  A 1 8  ? -2.213  -2.871  5.512   1.00 27.80 ? 8  DT  A C4    1 
ATOM   157 O O4    . DT  A 1 8  ? -1.542  -3.843  5.145   1.00 30.43 ? 8  DT  A O4    1 
ATOM   158 C C5    . DT  A 1 8  ? -1.968  -2.126  6.691   1.00 26.53 ? 8  DT  A C5    1 
ATOM   159 C C7    . DT  A 1 8  ? -0.933  -2.692  7.666   1.00 27.56 ? 8  DT  A C7    1 
ATOM   160 C C6    . DT  A 1 8  ? -2.652  -0.985  6.936   1.00 26.01 ? 8  DT  A C6    1 
ATOM   161 P P     . DT  A 1 9  ? -7.835  2.981   7.926   1.00 18.46 ? 9  DT  A P     1 
ATOM   162 O OP1   . DT  A 1 9  ? -8.674  4.073   7.413   1.00 15.68 ? 9  DT  A OP1   1 
ATOM   163 O OP2   . DT  A 1 9  ? -7.815  2.722   9.361   1.00 20.83 ? 9  DT  A OP2   1 
ATOM   164 O "O5'" . DT  A 1 9  ? -8.130  1.680   7.087   1.00 20.50 ? 9  DT  A "O5'" 1 
ATOM   165 C "C5'" . DT  A 1 9  ? -8.344  1.955   5.681   1.00 28.69 ? 9  DT  A "C5'" 1 
ATOM   166 C "C4'" . DT  A 1 9  ? -8.938  0.801   4.897   1.00 32.54 ? 9  DT  A "C4'" 1 
ATOM   167 O "O4'" . DT  A 1 9  ? -8.074  -0.353  4.798   1.00 32.68 ? 9  DT  A "O4'" 1 
ATOM   168 C "C3'" . DT  A 1 9  ? -10.238 0.385   5.581   1.00 34.82 ? 9  DT  A "C3'" 1 
ATOM   169 O "O3'" . DT  A 1 9  ? -11.280 0.424   4.611   1.00 38.70 ? 9  DT  A "O3'" 1 
ATOM   170 C "C2'" . DT  A 1 9  ? -9.887  -0.986  6.079   1.00 34.35 ? 9  DT  A "C2'" 1 
ATOM   171 C "C1'" . DT  A 1 9  ? -8.893  -1.502  5.057   1.00 35.09 ? 9  DT  A "C1'" 1 
ATOM   172 N N1    . DT  A 1 9  ? -7.938  -2.500  5.547   1.00 37.14 ? 9  DT  A N1    1 
ATOM   173 C C2    . DT  A 1 9  ? -7.710  -3.623  4.793   1.00 37.57 ? 9  DT  A C2    1 
ATOM   174 O O2    . DT  A 1 9  ? -8.268  -3.875  3.724   0.00 37.95 ? 9  DT  A O2    1 
ATOM   175 N N3    . DT  A 1 9  ? -6.786  -4.499  5.306   1.00 39.29 ? 9  DT  A N3    1 
ATOM   176 C C4    . DT  A 1 9  ? -6.082  -4.357  6.509   1.00 40.18 ? 9  DT  A C4    1 
ATOM   177 O O4    . DT  A 1 9  ? -5.254  -5.184  6.887   1.00 39.03 ? 9  DT  A O4    1 
ATOM   178 C C5    . DT  A 1 9  ? -6.408  -3.177  7.246   1.00 39.39 ? 9  DT  A C5    1 
ATOM   179 C C7    . DT  A 1 9  ? -5.774  -3.006  8.642   1.00 38.77 ? 9  DT  A C7    1 
ATOM   180 C C6    . DT  A 1 9  ? -7.296  -2.289  6.747   1.00 37.94 ? 9  DT  A C6    1 
ATOM   181 P P     . DG  A 1 10 ? -12.824 0.778   4.939   1.00 41.09 ? 10 DG  A P     1 
ATOM   182 O OP1   . DG  A 1 10 ? -13.459 0.949   3.618   1.00 43.27 ? 10 DG  A OP1   1 
ATOM   183 O OP2   . DG  A 1 10 ? -12.883 1.876   5.928   1.00 41.93 ? 10 DG  A OP2   1 
ATOM   184 O "O5'" . DG  A 1 10 ? -13.459 -0.480  5.721   1.00 41.21 ? 10 DG  A "O5'" 1 
ATOM   185 C "C5'" . DG  A 1 10 ? -14.254 -1.557  5.198   1.00 40.35 ? 10 DG  A "C5'" 1 
ATOM   186 C "C4'" . DG  A 1 10 ? -13.766 -2.211  3.860   1.00 39.97 ? 10 DG  A "C4'" 1 
ATOM   187 O "O4'" . DG  A 1 10 ? -12.410 -2.719  3.830   1.00 39.63 ? 10 DG  A "O4'" 1 
ATOM   188 C "C3'" . DG  A 1 10 ? -14.657 -3.409  3.589   1.00 40.52 ? 10 DG  A "C3'" 1 
ATOM   189 O "O3'" . DG  A 1 10 ? -15.103 -3.661  2.256   1.00 42.36 ? 10 DG  A "O3'" 1 
ATOM   190 C "C2'" . DG  A 1 10 ? -13.862 -4.498  4.243   1.00 39.65 ? 10 DG  A "C2'" 1 
ATOM   191 C "C1'" . DG  A 1 10 ? -12.417 -4.160  4.005   1.00 39.66 ? 10 DG  A "C1'" 1 
ATOM   192 N N9    . DG  A 1 10 ? -11.577 -4.466  5.172   1.00 40.03 ? 10 DG  A N9    1 
ATOM   193 C C8    . DG  A 1 10 ? -11.623 -3.918  6.403   1.00 40.10 ? 10 DG  A C8    1 
ATOM   194 N N7    . DG  A 1 10 ? -10.765 -4.378  7.266   1.00 41.23 ? 10 DG  A N7    1 
ATOM   195 C C5    . DG  A 1 10 ? -10.058 -5.337  6.538   1.00 39.68 ? 10 DG  A C5    1 
ATOM   196 C C6    . DG  A 1 10 ? -8.994  -6.204  6.937   1.00 38.40 ? 10 DG  A C6    1 
ATOM   197 O O6    . DG  A 1 10 ? -8.360  -6.298  7.973   1.00 36.86 ? 10 DG  A O6    1 
ATOM   198 N N1    . DG  A 1 10 ? -8.611  -7.016  5.942   1.00 37.51 ? 10 DG  A N1    1 
ATOM   199 C C2    . DG  A 1 10 ? -9.166  -7.037  4.712   1.00 39.39 ? 10 DG  A C2    1 
ATOM   200 N N2    . DG  A 1 10 ? -8.684  -7.943  3.895   1.00 39.65 ? 10 DG  A N2    1 
ATOM   201 N N3    . DG  A 1 10 ? -10.116 -6.202  4.274   1.00 40.23 ? 10 DG  A N3    1 
ATOM   202 C C4    . DG  A 1 10 ? -10.550 -5.402  5.262   1.00 40.07 ? 10 DG  A C4    1 
ATOM   203 P P     . DC  A 1 11 ? -16.279 -4.786  2.114   1.00 44.29 ? 11 DC  A P     1 
ATOM   204 O OP1   . DC  A 1 11 ? -17.079 -4.518  0.894   1.00 44.70 ? 11 DC  A OP1   1 
ATOM   205 O OP2   . DC  A 1 11 ? -16.946 -4.989  3.426   1.00 44.14 ? 11 DC  A OP2   1 
ATOM   206 O "O5'" . DC  A 1 11 ? -15.344 -6.055  1.853   1.00 45.05 ? 11 DC  A "O5'" 1 
ATOM   207 C "C5'" . DC  A 1 11 ? -14.440 -5.993  0.749   1.00 42.58 ? 11 DC  A "C5'" 1 
ATOM   208 C "C4'" . DC  A 1 11 ? -13.569 -7.230  0.706   1.00 40.31 ? 11 DC  A "C4'" 1 
ATOM   209 O "O4'" . DC  A 1 11 ? -12.892 -7.244  1.980   1.00 38.37 ? 11 DC  A "O4'" 1 
ATOM   210 C "C3'" . DC  A 1 11 ? -14.433 -8.500  0.534   1.00 41.26 ? 11 DC  A "C3'" 1 
ATOM   211 O "O3'" . DC  A 1 11 ? -14.135 -9.216  -0.686  1.00 41.56 ? 11 DC  A "O3'" 1 
ATOM   212 C "C2'" . DC  A 1 11 ? -14.268 -9.157  1.917   1.00 41.29 ? 11 DC  A "C2'" 1 
ATOM   213 C "C1'" . DC  A 1 11 ? -12.988 -8.547  2.549   1.00 39.84 ? 11 DC  A "C1'" 1 
ATOM   214 N N1    . DC  A 1 11 ? -13.009 -8.296  4.020   1.00 41.25 ? 11 DC  A N1    1 
ATOM   215 C C2    . DC  A 1 11 ? -11.907 -8.656  4.794   1.00 41.67 ? 11 DC  A C2    1 
ATOM   216 O O2    . DC  A 1 11 ? -10.910 -9.238  4.367   1.00 42.60 ? 11 DC  A O2    1 
ATOM   217 N N3    . DC  A 1 11 ? -11.903 -8.376  6.109   1.00 40.58 ? 11 DC  A N3    1 
ATOM   218 C C4    . DC  A 1 11 ? -12.940 -7.794  6.699   1.00 40.39 ? 11 DC  A C4    1 
ATOM   219 N N4    . DC  A 1 11 ? -12.824 -7.555  8.006   1.00 39.49 ? 11 DC  A N4    1 
ATOM   220 C C5    . DC  A 1 11 ? -14.102 -7.445  5.946   1.00 39.87 ? 11 DC  A C5    1 
ATOM   221 C C6    . DC  A 1 11 ? -14.092 -7.706  4.620   1.00 41.10 ? 11 DC  A C6    1 
ATOM   222 P P     . DG  A 1 12 ? -15.086 -10.385 -1.328  1.00 44.28 ? 12 DG  A P     1 
ATOM   223 O OP1   . DG  A 1 12 ? -14.549 -10.701 -2.682  1.00 44.32 ? 12 DG  A OP1   1 
ATOM   224 O OP2   . DG  A 1 12 ? -16.519 -10.057 -1.192  1.00 42.19 ? 12 DG  A OP2   1 
ATOM   225 O "O5'" . DG  A 1 12 ? -14.848 -11.607 -0.312  1.00 42.29 ? 12 DG  A "O5'" 1 
ATOM   226 C "C5'" . DG  A 1 12 ? -14.173 -12.797 -0.717  1.00 43.00 ? 12 DG  A "C5'" 1 
ATOM   227 C "C4'" . DG  A 1 12 ? -14.094 -13.808 0.414   1.00 42.19 ? 12 DG  A "C4'" 1 
ATOM   228 O "O4'" . DG  A 1 12 ? -13.586 -13.112 1.543   1.00 42.70 ? 12 DG  A "O4'" 1 
ATOM   229 C "C3'" . DG  A 1 12 ? -15.434 -14.373 0.907   1.00 41.59 ? 12 DG  A "C3'" 1 
ATOM   230 O "O3'" . DG  A 1 12 ? -15.842 -15.526 0.169   1.00 42.17 ? 12 DG  A "O3'" 1 
ATOM   231 C "C2'" . DG  A 1 12 ? -15.114 -14.774 2.309   1.00 42.11 ? 12 DG  A "C2'" 1 
ATOM   232 C "C1'" . DG  A 1 12 ? -13.950 -13.879 2.699   1.00 42.54 ? 12 DG  A "C1'" 1 
ATOM   233 N N9    . DG  A 1 12 ? -14.251 -12.955 3.764   1.00 42.52 ? 12 DG  A N9    1 
ATOM   234 C C8    . DG  A 1 12 ? -15.280 -12.081 3.888   1.00 42.81 ? 12 DG  A C8    1 
ATOM   235 N N7    . DG  A 1 12 ? -15.285 -11.393 4.981   1.00 43.07 ? 12 DG  A N7    1 
ATOM   236 C C5    . DG  A 1 12 ? -14.146 -11.859 5.634   1.00 42.35 ? 12 DG  A C5    1 
ATOM   237 C C6    . DG  A 1 12 ? -13.621 -11.483 6.873   1.00 42.62 ? 12 DG  A C6    1 
ATOM   238 O O6    . DG  A 1 12 ? -14.027 -10.636 7.668   1.00 41.12 ? 12 DG  A O6    1 
ATOM   239 N N1    . DG  A 1 12 ? -12.478 -12.195 7.179   1.00 43.74 ? 12 DG  A N1    1 
ATOM   240 C C2    . DG  A 1 12 ? -11.872 -13.141 6.379   1.00 43.82 ? 12 DG  A C2    1 
ATOM   241 N N2    . DG  A 1 12 ? -10.762 -13.720 6.842   1.00 43.86 ? 12 DG  A N2    1 
ATOM   242 N N3    . DG  A 1 12 ? -12.367 -13.488 5.187   1.00 43.00 ? 12 DG  A N3    1 
ATOM   243 C C4    . DG  A 1 12 ? -13.504 -12.808 4.894   1.00 42.59 ? 12 DG  A C4    1 
ATOM   244 O "O5'" . DC  B 1 1  ? -10.569 -12.520 16.162  1.00 38.05 ? 13 DC  B "O5'" 1 
ATOM   245 C "C5'" . DC  B 1 1  ? -9.320  -11.977 15.645  1.00 38.26 ? 13 DC  B "C5'" 1 
ATOM   246 C "C4'" . DC  B 1 1  ? -8.790  -12.989 14.656  1.00 37.39 ? 13 DC  B "C4'" 1 
ATOM   247 O "O4'" . DC  B 1 1  ? -9.873  -13.230 13.730  1.00 37.58 ? 13 DC  B "O4'" 1 
ATOM   248 C "C3'" . DC  B 1 1  ? -7.568  -12.577 13.842  1.00 35.69 ? 13 DC  B "C3'" 1 
ATOM   249 O "O3'" . DC  B 1 1  ? -6.670  -13.689 13.706  1.00 36.47 ? 13 DC  B "O3'" 1 
ATOM   250 C "C2'" . DC  B 1 1  ? -8.275  -12.057 12.578  1.00 36.79 ? 13 DC  B "C2'" 1 
ATOM   251 C "C1'" . DC  B 1 1  ? -9.543  -12.860 12.374  1.00 35.97 ? 13 DC  B "C1'" 1 
ATOM   252 N N1    . DC  B 1 1  ? -10.632 -12.019 11.773  1.00 34.97 ? 13 DC  B N1    1 
ATOM   253 C C2    . DC  B 1 1  ? -10.918 -12.097 10.402  1.00 34.53 ? 13 DC  B C2    1 
ATOM   254 O O2    . DC  B 1 1  ? -10.333 -12.823 9.592   1.00 33.71 ? 13 DC  B O2    1 
ATOM   255 N N3    . DC  B 1 1  ? -11.923 -11.318 9.934   1.00 33.45 ? 13 DC  B N3    1 
ATOM   256 C C4    . DC  B 1 1  ? -12.607 -10.485 10.706  1.00 33.19 ? 13 DC  B C4    1 
ATOM   257 N N4    . DC  B 1 1  ? -13.555 -9.752  10.141  1.00 33.56 ? 13 DC  B N4    1 
ATOM   258 C C5    . DC  B 1 1  ? -12.330 -10.383 12.084  1.00 33.74 ? 13 DC  B C5    1 
ATOM   259 C C6    . DC  B 1 1  ? -11.345 -11.165 12.576  1.00 33.82 ? 13 DC  B C6    1 
ATOM   260 P P     . DG  B 1 2  ? -5.196  -13.536 13.084  1.00 39.06 ? 14 DG  B P     1 
ATOM   261 O OP1   . DG  B 1 2  ? -4.160  -14.020 14.040  1.00 39.67 ? 14 DG  B OP1   1 
ATOM   262 O OP2   . DG  B 1 2  ? -5.073  -12.176 12.512  1.00 39.28 ? 14 DG  B OP2   1 
ATOM   263 O "O5'" . DG  B 1 2  ? -5.294  -14.584 11.938  1.00 32.98 ? 14 DG  B "O5'" 1 
ATOM   264 C "C5'" . DG  B 1 2  ? -6.294  -14.411 11.015  1.00 23.39 ? 14 DG  B "C5'" 1 
ATOM   265 C "C4'" . DG  B 1 2  ? -5.845  -14.920 9.727   1.00 20.67 ? 14 DG  B "C4'" 1 
ATOM   266 O "O4'" . DG  B 1 2  ? -6.769  -14.245 8.836   1.00 22.90 ? 14 DG  B "O4'" 1 
ATOM   267 C "C3'" . DG  B 1 2  ? -4.437  -14.443 9.347   1.00 19.94 ? 14 DG  B "C3'" 1 
ATOM   268 O "O3'" . DG  B 1 2  ? -3.811  -15.211 8.317   1.00 19.74 ? 14 DG  B "O3'" 1 
ATOM   269 C "C2'" . DG  B 1 2  ? -4.712  -13.019 8.954   1.00 21.49 ? 14 DG  B "C2'" 1 
ATOM   270 C "C1'" . DG  B 1 2  ? -6.051  -13.081 8.280   1.00 22.65 ? 14 DG  B "C1'" 1 
ATOM   271 N N9    . DG  B 1 2  ? -6.865  -11.925 8.603   1.00 24.94 ? 14 DG  B N9    1 
ATOM   272 C C8    . DG  B 1 2  ? -6.904  -11.085 9.662   1.00 25.87 ? 14 DG  B C8    1 
ATOM   273 N N7    . DG  B 1 2  ? -7.854  -10.212 9.670   1.00 25.60 ? 14 DG  B N7    1 
ATOM   274 C C5    . DG  B 1 2  ? -8.486  -10.490 8.476   1.00 26.39 ? 14 DG  B C5    1 
ATOM   275 C C6    . DG  B 1 2  ? -9.602  -9.895  7.918   1.00 26.46 ? 14 DG  B C6    1 
ATOM   276 O O6    . DG  B 1 2  ? -10.333 -9.035  8.391   1.00 28.71 ? 14 DG  B O6    1 
ATOM   277 N N1    . DG  B 1 2  ? -9.881  -10.408 6.678   1.00 24.69 ? 14 DG  B N1    1 
ATOM   278 C C2    . DG  B 1 2  ? -9.208  -11.426 6.051   1.00 26.34 ? 14 DG  B C2    1 
ATOM   279 N N2    . DG  B 1 2  ? -9.572  -11.799 4.839   1.00 25.05 ? 14 DG  B N2    1 
ATOM   280 N N3    . DG  B 1 2  ? -8.177  -12.048 6.602   1.00 27.09 ? 14 DG  B N3    1 
ATOM   281 C C4    . DG  B 1 2  ? -7.872  -11.511 7.810   1.00 26.29 ? 14 DG  B C4    1 
ATOM   282 P P     . DC  B 1 3  ? -2.392  -14.922 7.574   1.00 16.16 ? 15 DC  B P     1 
ATOM   283 O OP1   . DC  B 1 3  ? -1.789  -16.278 7.288   1.00 17.44 ? 15 DC  B OP1   1 
ATOM   284 O OP2   . DC  B 1 3  ? -1.577  -13.919 8.286   1.00 13.40 ? 15 DC  B OP2   1 
ATOM   285 O "O5'" . DC  B 1 3  ? -2.824  -14.279 6.201   1.00 17.48 ? 15 DC  B "O5'" 1 
ATOM   286 C "C5'" . DC  B 1 3  ? -3.620  -14.970 5.268   1.00 18.96 ? 15 DC  B "C5'" 1 
ATOM   287 C "C4'" . DC  B 1 3  ? -4.232  -13.926 4.439   1.00 20.72 ? 15 DC  B "C4'" 1 
ATOM   288 O "O4'" . DC  B 1 3  ? -4.873  -13.016 5.309   1.00 23.19 ? 15 DC  B "O4'" 1 
ATOM   289 C "C3'" . DC  B 1 3  ? -3.210  -13.121 3.692   1.00 20.11 ? 15 DC  B "C3'" 1 
ATOM   290 O "O3'" . DC  B 1 3  ? -2.995  -13.869 2.482   1.00 16.22 ? 15 DC  B "O3'" 1 
ATOM   291 C "C2'" . DC  B 1 3  ? -3.928  -11.765 3.597   1.00 22.05 ? 15 DC  B "C2'" 1 
ATOM   292 C "C1'" . DC  B 1 3  ? -5.153  -11.859 4.521   1.00 25.52 ? 15 DC  B "C1'" 1 
ATOM   293 N N1    . DC  B 1 3  ? -5.367  -10.771 5.494   1.00 29.60 ? 15 DC  B N1    1 
ATOM   294 C C2    . DC  B 1 3  ? -6.501  -9.963  5.398   1.00 31.79 ? 15 DC  B C2    1 
ATOM   295 O O2    . DC  B 1 3  ? -7.320  -10.058 4.480   1.00 32.68 ? 15 DC  B O2    1 
ATOM   296 N N3    . DC  B 1 3  ? -6.708  -9.029  6.363   1.00 33.64 ? 15 DC  B N3    1 
ATOM   297 C C4    . DC  B 1 3  ? -5.838  -8.874  7.377   1.00 34.49 ? 15 DC  B C4    1 
ATOM   298 N N4    . DC  B 1 3  ? -6.070  -7.948  8.326   1.00 35.61 ? 15 DC  B N4    1 
ATOM   299 C C5    . DC  B 1 3  ? -4.652  -9.687  7.446   1.00 33.73 ? 15 DC  B C5    1 
ATOM   300 C C6    . DC  B 1 3  ? -4.464  -10.607 6.485   1.00 31.04 ? 15 DC  B C6    1 
ATOM   301 P P     . DA  B 1 4  ? -2.145  -13.407 1.211   1.00 15.27 ? 16 DA  B P     1 
ATOM   302 O OP1   . DA  B 1 4  ? -1.963  -14.568 0.330   1.00 13.00 ? 16 DA  B OP1   1 
ATOM   303 O OP2   . DA  B 1 4  ? -0.964  -12.661 1.720   1.00 16.15 ? 16 DA  B OP2   1 
ATOM   304 O "O5'" . DA  B 1 4  ? -3.050  -12.346 0.491   1.00 11.69 ? 16 DA  B "O5'" 1 
ATOM   305 C "C5'" . DA  B 1 4  ? -4.221  -12.778 -0.121  1.00 16.33 ? 16 DA  B "C5'" 1 
ATOM   306 C "C4'" . DA  B 1 4  ? -4.822  -11.617 -0.836  1.00 18.37 ? 16 DA  B "C4'" 1 
ATOM   307 O "O4'" . DA  B 1 4  ? -5.075  -10.628 0.151   1.00 19.17 ? 16 DA  B "O4'" 1 
ATOM   308 C "C3'" . DA  B 1 4  ? -3.914  -10.975 -1.890  1.00 21.63 ? 16 DA  B "C3'" 1 
ATOM   309 O "O3'" . DA  B 1 4  ? -4.838  -10.232 -2.740  1.00 22.55 ? 16 DA  B "O3'" 1 
ATOM   310 C "C2'" . DA  B 1 4  ? -3.105  -10.074 -0.985  1.00 21.53 ? 16 DA  B "C2'" 1 
ATOM   311 C "C1'" . DA  B 1 4  ? -4.231  -9.500  -0.123  1.00 25.48 ? 16 DA  B "C1'" 1 
ATOM   312 N N9    . DA  B 1 4  ? -3.888  -8.877  1.140   1.00 30.00 ? 16 DA  B N9    1 
ATOM   313 C C8    . DA  B 1 4  ? -2.782  -8.951  1.882   1.00 30.51 ? 16 DA  B C8    1 
ATOM   314 N N7    . DA  B 1 4  ? -2.812  -8.301  2.989   1.00 33.68 ? 16 DA  B N7    1 
ATOM   315 C C5    . DA  B 1 4  ? -4.054  -7.726  2.970   1.00 35.09 ? 16 DA  B C5    1 
ATOM   316 C C6    . DA  B 1 4  ? -4.698  -6.891  3.865   1.00 37.78 ? 16 DA  B C6    1 
ATOM   317 N N6    . DA  B 1 4  ? -4.089  -6.458  4.965   1.00 38.62 ? 16 DA  B N6    1 
ATOM   318 N N1    . DA  B 1 4  ? -5.955  -6.498  3.579   1.00 37.89 ? 16 DA  B N1    1 
ATOM   319 C C2    . DA  B 1 4  ? -6.490  -6.902  2.432   1.00 38.41 ? 16 DA  B C2    1 
ATOM   320 N N3    . DA  B 1 4  ? -5.959  -7.671  1.496   1.00 35.58 ? 16 DA  B N3    1 
ATOM   321 C C4    . DA  B 1 4  ? -4.724  -8.062  1.844   1.00 33.66 ? 16 DA  B C4    1 
ATOM   322 P P     . DA  B 1 5  ? -4.346  -9.589  -4.123  1.00 28.65 ? 17 DA  B P     1 
ATOM   323 O OP1   . DA  B 1 5  ? -5.017  -10.262 -5.255  1.00 27.08 ? 17 DA  B OP1   1 
ATOM   324 O OP2   . DA  B 1 5  ? -2.884  -9.515  -4.087  1.00 25.28 ? 17 DA  B OP2   1 
ATOM   325 O "O5'" . DA  B 1 5  ? -4.944  -8.137  -3.994  1.00 21.21 ? 17 DA  B "O5'" 1 
ATOM   326 C "C5'" . DA  B 1 5  ? -6.362  -8.187  -4.063  1.00 19.37 ? 17 DA  B "C5'" 1 
ATOM   327 C "C4'" . DA  B 1 5  ? -6.913  -6.893  -3.581  1.00 19.44 ? 17 DA  B "C4'" 1 
ATOM   328 O "O4'" . DA  B 1 5  ? -6.382  -6.584  -2.281  1.00 21.00 ? 17 DA  B "O4'" 1 
ATOM   329 C "C3'" . DA  B 1 5  ? -6.594  -5.714  -4.420  1.00 21.06 ? 17 DA  B "C3'" 1 
ATOM   330 O "O3'" . DA  B 1 5  ? -7.756  -4.904  -4.290  1.00 24.61 ? 17 DA  B "O3'" 1 
ATOM   331 C "C2'" . DA  B 1 5  ? -5.419  -5.165  -3.640  1.00 23.67 ? 17 DA  B "C2'" 1 
ATOM   332 C "C1'" . DA  B 1 5  ? -5.698  -5.305  -2.151  1.00 24.40 ? 17 DA  B "C1'" 1 
ATOM   333 N N9    . DA  B 1 5  ? -4.501  -5.473  -1.286  1.00 27.90 ? 17 DA  B N9    1 
ATOM   334 C C8    . DA  B 1 5  ? -3.378  -6.195  -1.515  1.00 30.31 ? 17 DA  B C8    1 
ATOM   335 N N7    . DA  B 1 5  ? -2.483  -6.202  -0.579  1.00 33.24 ? 17 DA  B N7    1 
ATOM   336 C C5    . DA  B 1 5  ? -3.074  -5.402  0.370   1.00 32.06 ? 17 DA  B C5    1 
ATOM   337 C C6    . DA  B 1 5  ? -2.666  -5.026  1.637   1.00 34.01 ? 17 DA  B C6    1 
ATOM   338 N N6    . DA  B 1 5  ? -1.528  -5.442  2.194   1.00 33.89 ? 17 DA  B N6    1 
ATOM   339 N N1    . DA  B 1 5  ? -3.497  -4.212  2.325   1.00 35.15 ? 17 DA  B N1    1 
ATOM   340 C C2    . DA  B 1 5  ? -4.649  -3.831  1.791   1.00 33.30 ? 17 DA  B C2    1 
ATOM   341 N N3    . DA  B 1 5  ? -5.141  -4.146  0.612   1.00 31.54 ? 17 DA  B N3    1 
ATOM   342 C C4    . DA  B 1 5  ? -4.291  -4.945  -0.055  1.00 29.77 ? 17 DA  B C4    1 
ATOM   343 P P     . DA  B 1 6  ? -7.988  -3.579  -5.115  1.00 27.43 ? 18 DA  B P     1 
ATOM   344 O OP1   . DA  B 1 6  ? -9.462  -3.410  -5.332  1.00 27.48 ? 18 DA  B OP1   1 
ATOM   345 O OP2   . DA  B 1 6  ? -7.080  -3.613  -6.287  1.00 25.52 ? 18 DA  B OP2   1 
ATOM   346 O "O5'" . DA  B 1 6  ? -7.491  -2.531  -3.973  1.00 25.58 ? 18 DA  B "O5'" 1 
ATOM   347 C "C5'" . DA  B 1 6  ? -8.396  -2.148  -2.899  1.00 23.44 ? 18 DA  B "C5'" 1 
ATOM   348 C "C4'" . DA  B 1 6  ? -7.924  -0.865  -2.252  1.00 24.38 ? 18 DA  B "C4'" 1 
ATOM   349 O "O4'" . DA  B 1 6  ? -6.642  -0.957  -1.568  1.00 23.98 ? 18 DA  B "O4'" 1 
ATOM   350 C "C3'" . DA  B 1 6  ? -7.665  0.147   -3.318  1.00 26.05 ? 18 DA  B "C3'" 1 
ATOM   351 O "O3'" . DA  B 1 6  ? -7.972  1.392   -2.765  1.00 31.21 ? 18 DA  B "O3'" 1 
ATOM   352 C "C2'" . DA  B 1 6  ? -6.186  -0.091  -3.625  1.00 26.01 ? 18 DA  B "C2'" 1 
ATOM   353 C "C1'" . DA  B 1 6  ? -5.549  -0.333  -2.271  1.00 23.45 ? 18 DA  B "C1'" 1 
ATOM   354 N N9    . DA  B 1 6  ? -4.304  -1.167  -2.218  1.00 24.50 ? 18 DA  B N9    1 
ATOM   355 C C8    . DA  B 1 6  ? -3.768  -2.053  -3.096  1.00 24.49 ? 18 DA  B C8    1 
ATOM   356 N N7    . DA  B 1 6  ? -2.659  -2.647  -2.729  1.00 25.34 ? 18 DA  B N7    1 
ATOM   357 C C5    . DA  B 1 6  ? -2.447  -2.115  -1.475  1.00 25.11 ? 18 DA  B C5    1 
ATOM   358 C C6    . DA  B 1 6  ? -1.467  -2.344  -0.512  1.00 25.65 ? 18 DA  B C6    1 
ATOM   359 N N6    . DA  B 1 6  ? -0.499  -3.214  -0.629  1.00 26.22 ? 18 DA  B N6    1 
ATOM   360 N N1    . DA  B 1 6  ? -1.509  -1.664  0.611   1.00 25.54 ? 18 DA  B N1    1 
ATOM   361 C C2    . DA  B 1 6  ? -2.491  -0.797  0.781   1.00 26.62 ? 18 DA  B C2    1 
ATOM   362 N N3    . DA  B 1 6  ? -3.496  -0.491  -0.031  1.00 26.25 ? 18 DA  B N3    1 
ATOM   363 C C4    . DA  B 1 6  ? -3.410  -1.206  -1.169  1.00 24.45 ? 18 DA  B C4    1 
ATOM   364 P P     . DT  B 1 7  ? -8.177  2.610   -3.792  1.00 37.14 ? 19 DT  B P     1 
ATOM   365 O OP1   . DT  B 1 7  ? -9.485  3.223   -3.475  1.00 36.70 ? 19 DT  B OP1   1 
ATOM   366 O OP2   . DT  B 1 7  ? -7.861  2.188   -5.181  1.00 37.75 ? 19 DT  B OP2   1 
ATOM   367 O "O5'" . DT  B 1 7  ? -6.993  3.603   -3.323  1.00 33.44 ? 19 DT  B "O5'" 1 
ATOM   368 C "C5'" . DT  B 1 7  ? -7.154  4.027   -1.963  1.00 28.71 ? 19 DT  B "C5'" 1 
ATOM   369 C "C4'" . DT  B 1 7  ? -5.833  4.175   -1.247  1.00 26.53 ? 19 DT  B "C4'" 1 
ATOM   370 O "O4'" . DT  B 1 7  ? -4.937  3.147   -1.649  1.00 22.51 ? 19 DT  B "O4'" 1 
ATOM   371 C "C3'" . DT  B 1 7  ? -4.998  5.399   -1.478  1.00 26.69 ? 19 DT  B "C3'" 1 
ATOM   372 O "O3'" . DT  B 1 7  ? -5.432  6.352   -0.526  1.00 28.65 ? 19 DT  B "O3'" 1 
ATOM   373 C "C2'" . DT  B 1 7  ? -3.618  4.858   -1.190  1.00 25.74 ? 19 DT  B "C2'" 1 
ATOM   374 C "C1'" . DT  B 1 7  ? -3.836  3.423   -0.857  1.00 24.34 ? 19 DT  B "C1'" 1 
ATOM   375 N N1    . DT  B 1 7  ? -2.763  2.561   -1.249  1.00 25.09 ? 19 DT  B N1    1 
ATOM   376 C C2    . DT  B 1 7  ? -1.743  2.448   -0.342  1.00 25.77 ? 19 DT  B C2    1 
ATOM   377 O O2    . DT  B 1 7  ? -1.776  2.961   0.779   1.00 22.16 ? 19 DT  B O2    1 
ATOM   378 N N3    . DT  B 1 7  ? -0.701  1.682   -0.741  1.00 26.37 ? 19 DT  B N3    1 
ATOM   379 C C4    . DT  B 1 7  ? -0.611  1.008   -1.929  1.00 27.53 ? 19 DT  B C4    1 
ATOM   380 O O4    . DT  B 1 7  ? 0.401   0.351   -2.154  1.00 27.45 ? 19 DT  B O4    1 
ATOM   381 C C5    . DT  B 1 7  ? -1.740  1.120   -2.794  1.00 27.77 ? 19 DT  B C5    1 
ATOM   382 C C7    . DT  B 1 7  ? -1.741  0.341   -4.104  1.00 28.53 ? 19 DT  B C7    1 
ATOM   383 C C6    . DT  B 1 7  ? -2.766  1.903   -2.447  1.00 25.79 ? 19 DT  B C6    1 
ATOM   384 P P     . DT  B 1 8  ? -4.750  7.771   -0.409  1.00 30.74 ? 20 DT  B P     1 
ATOM   385 O OP1   . DT  B 1 8  ? -5.306  8.411   0.794   1.00 29.95 ? 20 DT  B OP1   1 
ATOM   386 O OP2   . DT  B 1 8  ? -4.846  8.478   -1.715  1.00 28.25 ? 20 DT  B OP2   1 
ATOM   387 O "O5'" . DT  B 1 8  ? -3.222  7.400   -0.057  1.00 28.31 ? 20 DT  B "O5'" 1 
ATOM   388 C "C5'" . DT  B 1 8  ? -2.944  7.233   1.327   1.00 26.09 ? 20 DT  B "C5'" 1 
ATOM   389 C "C4'" . DT  B 1 8  ? -1.491  7.249   1.596   1.00 24.75 ? 20 DT  B "C4'" 1 
ATOM   390 O "O4'" . DT  B 1 8  ? -0.890  6.204   0.894   1.00 25.41 ? 20 DT  B "O4'" 1 
ATOM   391 C "C3'" . DT  B 1 8  ? -0.717  8.467   1.308   1.00 22.50 ? 20 DT  B "C3'" 1 
ATOM   392 O "O3'" . DT  B 1 8  ? -0.235  8.894   2.558   1.00 21.85 ? 20 DT  B "O3'" 1 
ATOM   393 C "C2'" . DT  B 1 8  ? 0.402   7.987   0.453   1.00 23.58 ? 20 DT  B "C2'" 1 
ATOM   394 C "C1'" . DT  B 1 8  ? 0.481   6.523   0.716   1.00 24.19 ? 20 DT  B "C1'" 1 
ATOM   395 N N1    . DT  B 1 8  ? 0.829   5.636   -0.401  1.00 23.04 ? 20 DT  B N1    1 
ATOM   396 C C2    . DT  B 1 8  ? 1.751   4.649   -0.172  1.00 22.66 ? 20 DT  B C2    1 
ATOM   397 O O2    . DT  B 1 8  ? 2.343   4.514   0.894   1.00 21.85 ? 20 DT  B O2    1 
ATOM   398 N N3    . DT  B 1 8  ? 2.008   3.818   -1.220  1.00 22.88 ? 20 DT  B N3    1 
ATOM   399 C C4    . DT  B 1 8  ? 1.425   3.874   -2.468  1.00 24.27 ? 20 DT  B C4    1 
ATOM   400 O O4    . DT  B 1 8  ? 1.692   3.079   -3.368  1.00 18.89 ? 20 DT  B O4    1 
ATOM   401 C C5    . DT  B 1 8  ? 0.499   4.929   -2.608  1.00 23.84 ? 20 DT  B C5    1 
ATOM   402 C C7    . DT  B 1 8  ? -0.158  5.069   -3.948  1.00 26.10 ? 20 DT  B C7    1 
ATOM   403 C C6    . DT  B 1 8  ? 0.235   5.775   -1.609  1.00 24.41 ? 20 DT  B C6    1 
ATOM   404 P P     . DT  B 1 9  ? 0.341   10.358  2.664   1.00 23.68 ? 21 DT  B P     1 
ATOM   405 O OP1   . DT  B 1 9  ? 0.171   10.822  4.063   1.00 20.37 ? 21 DT  B OP1   1 
ATOM   406 O OP2   . DT  B 1 9  ? -0.239  11.121  1.531   1.00 21.41 ? 21 DT  B OP2   1 
ATOM   407 O "O5'" . DT  B 1 9  ? 1.915   10.148  2.325   1.00 21.13 ? 21 DT  B "O5'" 1 
ATOM   408 C "C5'" . DT  B 1 9  ? 2.644   9.350   3.250   1.00 18.70 ? 21 DT  B "C5'" 1 
ATOM   409 C "C4'" . DT  B 1 9  ? 3.972   8.730   2.754   1.00 17.28 ? 21 DT  B "C4'" 1 
ATOM   410 O "O4'" . DT  B 1 9  ? 3.870   7.718   1.759   1.00 17.45 ? 21 DT  B "O4'" 1 
ATOM   411 C "C3'" . DT  B 1 9  ? 4.865   9.723   2.301   1.00 18.25 ? 21 DT  B "C3'" 1 
ATOM   412 O "O3'" . DT  B 1 9  ? 5.724   9.923   3.404   1.00 20.94 ? 21 DT  B "O3'" 1 
ATOM   413 C "C2'" . DT  B 1 9  ? 5.400   9.128   1.027   1.00 18.52 ? 21 DT  B "C2'" 1 
ATOM   414 C "C1'" . DT  B 1 9  ? 5.024   7.702   0.955   1.00 20.21 ? 21 DT  B "C1'" 1 
ATOM   415 N N1    . DT  B 1 9  ? 4.641   7.258   -0.415  1.00 27.84 ? 21 DT  B N1    1 
ATOM   416 C C2    . DT  B 1 9  ? 5.374   6.209   -0.989  1.00 29.86 ? 21 DT  B C2    1 
ATOM   417 O O2    . DT  B 1 9  ? 6.307   5.639   -0.428  1.00 33.84 ? 21 DT  B O2    1 
ATOM   418 N N3    . DT  B 1 9  ? 5.003   5.823   -2.252  1.00 31.60 ? 21 DT  B N3    1 
ATOM   419 C C4    . DT  B 1 9  ? 3.989   6.367   -3.006  1.00 31.83 ? 21 DT  B C4    1 
ATOM   420 O O4    . DT  B 1 9  ? 3.780   5.892   -4.120  1.00 32.12 ? 21 DT  B O4    1 
ATOM   421 C C5    . DT  B 1 9  ? 3.279   7.472   -2.363  1.00 31.18 ? 21 DT  B C5    1 
ATOM   422 C C7    . DT  B 1 9  ? 2.155   8.220   -3.131  1.00 32.53 ? 21 DT  B C7    1 
ATOM   423 C C6    . DT  B 1 9  ? 3.611   7.860   -1.105  1.00 28.65 ? 21 DT  B C6    1 
ATOM   424 P P     . DG  B 1 10 ? 6.736   11.146  3.228   1.00 24.83 ? 22 DG  B P     1 
ATOM   425 O OP1   . DG  B 1 10 ? 7.517   11.271  4.479   1.00 25.24 ? 22 DG  B OP1   1 
ATOM   426 O OP2   . DG  B 1 10 ? 6.078   12.310  2.607   1.00 21.43 ? 22 DG  B OP2   1 
ATOM   427 O "O5'" . DG  B 1 10 ? 7.633   10.356  2.157   1.00 26.96 ? 22 DG  B "O5'" 1 
ATOM   428 C "C5'" . DG  B 1 10 ? 8.643   9.414   2.597   1.00 28.67 ? 22 DG  B "C5'" 1 
ATOM   429 C "C4'" . DG  B 1 10 ? 9.779   9.211   1.560   1.00 30.32 ? 22 DG  B "C4'" 1 
ATOM   430 O "O4'" . DG  B 1 10 ? 9.425   8.441   0.378   1.00 31.14 ? 22 DG  B "O4'" 1 
ATOM   431 C "C3'" . DG  B 1 10 ? 10.193  10.601  1.098   1.00 30.38 ? 22 DG  B "C3'" 1 
ATOM   432 O "O3'" . DG  B 1 10 ? 11.454  10.626  0.483   1.00 32.02 ? 22 DG  B "O3'" 1 
ATOM   433 C "C2'" . DG  B 1 10 ? 9.226   10.756  -0.014  1.00 31.45 ? 22 DG  B "C2'" 1 
ATOM   434 C "C1'" . DG  B 1 10 ? 9.291   9.378   -0.705  1.00 32.03 ? 22 DG  B "C1'" 1 
ATOM   435 N N9    . DG  B 1 10 ? 8.194   9.224   -1.710  1.00 35.12 ? 22 DG  B N9    1 
ATOM   436 C C8    . DG  B 1 10 ? 7.148   10.058  -1.995  1.00 35.31 ? 22 DG  B C8    1 
ATOM   437 N N7    . DG  B 1 10 ? 6.399   9.734   -2.999  1.00 36.87 ? 22 DG  B N7    1 
ATOM   438 C C5    . DG  B 1 10 ? 6.979   8.543   -3.415  1.00 36.24 ? 22 DG  B C5    1 
ATOM   439 C C6    . DG  B 1 10 ? 6.610   7.707   -4.485  1.00 36.55 ? 22 DG  B C6    1 
ATOM   440 O O6    . DG  B 1 10 ? 5.673   7.835   -5.267  1.00 36.63 ? 22 DG  B O6    1 
ATOM   441 N N1    . DG  B 1 10 ? 7.462   6.634   -4.582  1.00 36.19 ? 22 DG  B N1    1 
ATOM   442 C C2    . DG  B 1 10 ? 8.511   6.377   -3.757  1.00 36.89 ? 22 DG  B C2    1 
ATOM   443 N N2    . DG  B 1 10 ? 9.231   5.297   -4.002  1.00 38.78 ? 22 DG  B N2    1 
ATOM   444 N N3    . DG  B 1 10 ? 8.858   7.144   -2.736  1.00 36.98 ? 22 DG  B N3    1 
ATOM   445 C C4    . DG  B 1 10 ? 8.060   8.215   -2.632  1.00 36.13 ? 22 DG  B C4    1 
ATOM   446 P P     . DC  B 1 11 ? 12.837  10.297  1.158   1.00 33.25 ? 23 DC  B P     1 
ATOM   447 O OP1   . DC  B 1 11 ? 12.708  9.463   2.382   1.00 31.17 ? 23 DC  B OP1   1 
ATOM   448 O OP2   . DC  B 1 11 ? 13.613  11.540  1.148   1.00 31.40 ? 23 DC  B OP2   1 
ATOM   449 O "O5'" . DC  B 1 11 ? 13.312  9.400   -0.098  1.00 33.75 ? 23 DC  B "O5'" 1 
ATOM   450 C "C5'" . DC  B 1 11 ? 13.673  8.020   0.071   1.00 34.74 ? 23 DC  B "C5'" 1 
ATOM   451 C "C4'" . DC  B 1 11 ? 14.186  7.355   -1.224  1.00 33.82 ? 23 DC  B "C4'" 1 
ATOM   452 O "O4'" . DC  B 1 11 ? 13.107  7.330   -2.186  1.00 32.18 ? 23 DC  B "O4'" 1 
ATOM   453 C "C3'" . DC  B 1 11 ? 15.424  8.090   -1.829  1.00 34.53 ? 23 DC  B "C3'" 1 
ATOM   454 O "O3'" . DC  B 1 11 ? 16.541  7.283   -2.302  1.00 34.87 ? 23 DC  B "O3'" 1 
ATOM   455 C "C2'" . DC  B 1 11 ? 14.712  8.892   -2.880  1.00 34.81 ? 23 DC  B "C2'" 1 
ATOM   456 C "C1'" . DC  B 1 11 ? 13.539  8.006   -3.349  1.00 32.84 ? 23 DC  B "C1'" 1 
ATOM   457 N N1    . DC  B 1 11 ? 12.406  8.780   -3.883  1.00 32.18 ? 23 DC  B N1    1 
ATOM   458 C C2    . DC  B 1 11 ? 11.691  8.219   -4.925  1.00 31.71 ? 23 DC  B C2    1 
ATOM   459 O O2    . DC  B 1 11 ? 11.924  7.105   -5.358  1.00 31.95 ? 23 DC  B O2    1 
ATOM   460 N N3    . DC  B 1 11 ? 10.685  8.913   -5.485  1.00 30.94 ? 23 DC  B N3    1 
ATOM   461 C C4    . DC  B 1 11 ? 10.392  10.127  -5.028  1.00 30.53 ? 23 DC  B C4    1 
ATOM   462 N N4    . DC  B 1 11 ? 9.423   10.776  -5.628  1.00 30.82 ? 23 DC  B N4    1 
ATOM   463 C C5    . DC  B 1 11 ? 11.082  10.725  -3.932  1.00 31.26 ? 23 DC  B C5    1 
ATOM   464 C C6    . DC  B 1 11 ? 12.079  10.010  -3.382  1.00 31.24 ? 23 DC  B C6    1 
ATOM   465 P P     . DG  B 1 12 ? 17.920  7.859   -2.982  1.00 37.10 ? 24 DG  B P     1 
ATOM   466 O OP1   . DG  B 1 12 ? 19.031  6.938   -2.626  1.00 37.10 ? 24 DG  B OP1   1 
ATOM   467 O OP2   . DG  B 1 12 ? 18.048  9.314   -2.736  1.00 38.09 ? 24 DG  B OP2   1 
ATOM   468 O "O5'" . DG  B 1 12 ? 17.733  7.708   -4.504  1.00 31.03 ? 24 DG  B "O5'" 1 
ATOM   469 C "C5'" . DG  B 1 12 ? 18.015  6.421   -5.020  1.00 22.13 ? 24 DG  B "C5'" 1 
ATOM   470 C "C4'" . DG  B 1 12 ? 17.610  6.463   -6.460  1.00 18.17 ? 24 DG  B "C4'" 1 
ATOM   471 O "O4'" . DG  B 1 12 ? 16.296  7.021   -6.438  1.00 14.08 ? 24 DG  B "O4'" 1 
ATOM   472 C "C3'" . DG  B 1 12 ? 18.450  7.510   -7.204  1.00 19.47 ? 24 DG  B "C3'" 1 
ATOM   473 O "O3'" . DG  B 1 12 ? 19.768  7.047   -7.616  1.00 21.58 ? 24 DG  B "O3'" 1 
ATOM   474 C "C2'" . DG  B 1 12 ? 17.478  7.911   -8.304  1.00 16.92 ? 24 DG  B "C2'" 1 
ATOM   475 C "C1'" . DG  B 1 12 ? 16.102  7.693   -7.662  1.00 15.00 ? 24 DG  B "C1'" 1 
ATOM   476 N N9    . DG  B 1 12 ? 15.232  8.792   -7.325  1.00 16.54 ? 24 DG  B N9    1 
ATOM   477 C C8    . DG  B 1 12 ? 15.256  9.638   -6.282  1.00 17.84 ? 24 DG  B C8    1 
ATOM   478 N N7    . DG  B 1 12 ? 14.266  10.491  -6.252  1.00 19.29 ? 24 DG  B N7    1 
ATOM   479 C C5    . DG  B 1 12 ? 13.546  10.197  -7.389  1.00 18.18 ? 24 DG  B C5    1 
ATOM   480 C C6    . DG  B 1 12 ? 12.396  10.812  -7.892  1.00 19.93 ? 24 DG  B C6    1 
ATOM   481 O O6    . DG  B 1 12 ? 11.764  11.733  -7.363  1.00 21.22 ? 24 DG  B O6    1 
ATOM   482 N N1    . DG  B 1 12 ? 12.003  10.242  -9.097  1.00 17.53 ? 24 DG  B N1    1 
ATOM   483 C C2    . DG  B 1 12 ? 12.646  9.175   -9.707  1.00 18.88 ? 24 DG  B C2    1 
ATOM   484 N N2    . DG  B 1 12 ? 12.191  8.693   -10.851 1.00 16.62 ? 24 DG  B N2    1 
ATOM   485 N N3    . DG  B 1 12 ? 13.717  8.589   -9.209  1.00 17.43 ? 24 DG  B N3    1 
ATOM   486 C C4    . DG  B 1 12 ? 14.120  9.158   -8.057  1.00 16.80 ? 24 DG  B C4    1 
HETATM 487 C C1    . NT  C 2 .  ? -9.802  -3.587  0.561   1.00 58.21 ? 25 NT  A C1    1 
HETATM 488 N N1    . NT  C 2 .  ? -9.548  -4.415  1.626   1.00 56.93 ? 25 NT  A N1    1 
HETATM 489 N N2    . NT  C 2 .  ? -10.876 -3.811  -0.256  1.00 59.09 ? 25 NT  A N2    1 
HETATM 490 N N3    . NT  C 2 .  ? -9.007  -2.493  0.260   1.00 57.12 ? 25 NT  A N3    1 
HETATM 491 C C2    . NT  C 2 .  ? -7.806  -1.998  0.942   1.00 56.09 ? 25 NT  A C2    1 
HETATM 492 C C3    . NT  C 2 .  ? -7.842  -0.486  1.313   1.00 55.19 ? 25 NT  A C3    1 
HETATM 493 O O1    . NT  C 2 .  ? -8.940  0.047   1.446   1.00 56.84 ? 25 NT  A O1    1 
HETATM 494 N N4    . NT  C 2 .  ? -6.629  0.099   1.517   1.00 53.11 ? 25 NT  A N4    1 
HETATM 495 C C4    . NT  C 2 .  ? -6.316  1.436   1.949   1.00 50.66 ? 25 NT  A C4    1 
HETATM 496 C C5    . NT  C 2 .  ? -5.010  1.799   2.298   1.00 50.05 ? 25 NT  A C5    1 
HETATM 497 C C6    . NT  C 2 .  ? -5.111  3.114   2.749   1.00 49.69 ? 25 NT  A C6    1 
HETATM 498 N N5    . NT  C 2 .  ? -6.469  3.446   2.626   1.00 50.95 ? 25 NT  A N5    1 
HETATM 499 C C8    . NT  C 2 .  ? -7.085  4.802   2.806   1.00 51.38 ? 25 NT  A C8    1 
HETATM 500 C C7    . NT  C 2 .  ? -7.242  2.431   2.147   1.00 50.54 ? 25 NT  A C7    1 
HETATM 501 C C9    . NT  C 2 .  ? -4.153  3.957   3.394   1.00 47.95 ? 25 NT  A C9    1 
HETATM 502 O O2    . NT  C 2 .  ? -4.483  4.908   4.089   1.00 46.71 ? 25 NT  A O2    1 
HETATM 503 N N6    . NT  C 2 .  ? -2.872  3.622   3.156   1.00 47.08 ? 25 NT  A N6    1 
HETATM 504 C C10   . NT  C 2 .  ? -1.764  4.333   3.740   1.00 45.40 ? 25 NT  A C10   1 
HETATM 505 C C11   . NT  C 2 .  ? -0.450  3.873   3.618   1.00 45.32 ? 25 NT  A C11   1 
HETATM 506 C C12   . NT  C 2 .  ? 0.346   4.832   4.222   1.00 45.21 ? 25 NT  A C12   1 
HETATM 507 N N7    . NT  C 2 .  ? -0.536  5.828   4.659   1.00 45.79 ? 25 NT  A N7    1 
HETATM 508 C C14   . NT  C 2 .  ? -0.131  7.137   5.260   1.00 46.02 ? 25 NT  A C14   1 
HETATM 509 C C13   . NT  C 2 .  ? -1.845  5.544   4.394   1.00 46.06 ? 25 NT  A C13   1 
HETATM 510 C C15   . NT  C 2 .  ? 1.723   4.826   4.554   1.00 44.00 ? 25 NT  A C15   1 
HETATM 511 O O3    . NT  C 2 .  ? 2.181   5.196   5.634   1.00 42.70 ? 25 NT  A O3    1 
HETATM 512 N N8    . NT  C 2 .  ? 2.566   4.441   3.594   1.00 44.52 ? 25 NT  A N8    1 
HETATM 513 C C16   . NT  C 2 .  ? 4.011   4.352   3.698   1.00 44.27 ? 25 NT  A C16   1 
HETATM 514 C C17   . NT  C 2 .  ? 4.647   5.714   3.869   1.00 45.19 ? 25 NT  A C17   1 
HETATM 515 C C18   . NT  C 2 .  ? 6.038   5.779   4.471   1.00 46.01 ? 25 NT  A C18   1 
HETATM 516 N N9    . NT  C 2 .  ? 6.547   7.033   4.576   1.00 45.80 ? 25 NT  A N9    1 
HETATM 517 N N10   . NT  C 2 .  ? 6.669   4.640   4.835   1.00 46.21 ? 25 NT  A N10   1 
HETATM 518 O O     . HOH D 3 .  ? 7.805   8.780   -27.022 1.00 19.31 ? 27 HOH A O     1 
HETATM 519 O O     . HOH D 3 .  ? 1.970   -2.521  -5.505  1.00 7.20  ? 28 HOH A O     1 
HETATM 520 O O     . HOH D 3 .  ? 5.643   -7.203  2.755   1.00 38.88 ? 29 HOH A O     1 
HETATM 521 O O     . HOH D 3 .  ? 12.608  4.366   9.026   1.00 17.15 ? 32 HOH A O     1 
HETATM 522 O O     . HOH D 3 .  ? 12.115  12.223  -20.462 1.00 49.34 ? 34 HOH A O     1 
HETATM 523 O O     . HOH D 3 .  ? 12.624  3.714   1.598   1.00 19.75 ? 35 HOH A O     1 
HETATM 524 O O     . HOH D 3 .  ? 9.953   -1.027  9.898   1.00 7.08  ? 36 HOH A O     1 
HETATM 525 O O     . HOH D 3 .  ? 6.673   6.415   -26.576 1.00 2.00  ? 37 HOH A O     1 
HETATM 526 O O     . HOH D 3 .  ? 10.242  18.102  -11.570 1.00 52.26 ? 38 HOH A O     1 
HETATM 527 O O     . HOH D 3 .  ? 9.203   15.976  -13.119 1.00 10.50 ? 39 HOH A O     1 
HETATM 528 O O     . HOH D 3 .  ? 1.774   1.179   -13.666 1.00 46.10 ? 42 HOH A O     1 
HETATM 529 O O     . HOH D 3 .  ? 10.080  -6.797  -7.419  1.00 28.65 ? 43 HOH A O     1 
HETATM 530 O O     . HOH D 3 .  ? 11.566  3.990   5.253   1.00 42.13 ? 45 HOH A O     1 
HETATM 531 O O     . HOH D 3 .  ? 6.461   8.531   -22.347 1.00 11.26 ? 46 HOH A O     1 
HETATM 532 O O     . HOH D 3 .  ? 9.855   15.022  -20.400 1.00 6.18  ? 47 HOH A O     1 
HETATM 533 O O     . HOH D 3 .  ? -2.875  -5.919  8.042   1.00 5.87  ? 51 HOH A O     1 
HETATM 534 O O     . HOH D 3 .  ? 12.218  17.656  -18.250 1.00 13.57 ? 54 HOH A O     1 
HETATM 535 O O     . HOH D 3 .  ? 10.570  -8.465  -0.574  1.00 10.03 ? 57 HOH A O     1 
HETATM 536 O O     . HOH D 3 .  ? -19.908 -2.968  6.385   1.00 22.24 ? 58 HOH A O     1 
HETATM 537 O O     . HOH D 3 .  ? 7.593   -4.750  7.071   1.00 12.06 ? 60 HOH A O     1 
HETATM 538 O O     . HOH D 3 .  ? 15.427  16.357  -19.047 1.00 9.90  ? 61 HOH A O     1 
HETATM 539 O O     . HOH D 3 .  ? 10.250  16.669  -15.975 1.00 8.46  ? 65 HOH A O     1 
HETATM 540 O O     . HOH D 3 .  ? 9.706   6.564   5.235   1.00 10.19 ? 67 HOH A O     1 
HETATM 541 O O     . HOH D 3 .  ? 3.352   -7.363  -9.501  1.00 42.45 ? 68 HOH A O     1 
HETATM 542 O O     . HOH D 3 .  ? 11.938  20.097  -10.526 1.00 26.51 ? 69 HOH A O     1 
HETATM 543 O O     . HOH D 3 .  ? -7.049  -5.649  11.098  1.00 80.54 ? 70 HOH A O     1 
HETATM 544 O O     . HOH D 3 .  ? -20.298 -8.398  -0.831  1.00 48.27 ? 71 HOH A O     1 
HETATM 545 O O     . HOH D 3 .  ? -16.267 1.068   1.042   1.00 26.99 ? 72 HOH A O     1 
HETATM 546 O O     . HOH E 3 .  ? 7.574   17.603  -7.673  1.00 31.94 ? 26 HOH B O     1 
HETATM 547 O O     . HOH E 3 .  ? 0.252   1.368   -7.937  1.00 10.84 ? 30 HOH B O     1 
HETATM 548 O O     . HOH E 3 .  ? -3.574  13.868  -2.200  1.00 52.48 ? 31 HOH B O     1 
HETATM 549 O O     . HOH E 3 .  ? 0.202   -5.274  -3.413  1.00 58.77 ? 33 HOH B O     1 
HETATM 550 O O     . HOH E 3 .  ? 0.050   -7.303  4.907   1.00 35.39 ? 40 HOH B O     1 
HETATM 551 O O     . HOH E 3 .  ? 2.957   -9.122  2.929   1.00 35.21 ? 41 HOH B O     1 
HETATM 552 O O     . HOH E 3 .  ? -3.711  10.964  4.745   1.00 29.76 ? 44 HOH B O     1 
HETATM 553 O O     . HOH E 3 .  ? 0.653   -6.431  -9.294  1.00 2.00  ? 48 HOH B O     1 
HETATM 554 O O     . HOH E 3 .  ? 7.874   15.125  -5.289  1.00 13.12 ? 49 HOH B O     1 
HETATM 555 O O     . HOH E 3 .  ? 1.388   9.327   7.217   1.00 2.00  ? 50 HOH B O     1 
HETATM 556 O O     . HOH E 3 .  ? 13.794  13.386  -0.819  1.00 2.00  ? 52 HOH B O     1 
HETATM 557 O O     . HOH E 3 .  ? -13.610 3.052   -4.910  1.00 4.05  ? 53 HOH B O     1 
HETATM 558 O O     . HOH E 3 .  ? 3.899   -6.619  -2.568  1.00 6.53  ? 55 HOH B O     1 
HETATM 559 O O     . HOH E 3 .  ? 4.633   12.048  -3.567  1.00 2.00  ? 56 HOH B O     1 
HETATM 560 O O     . HOH E 3 .  ? 12.948  14.945  -2.787  1.00 13.80 ? 59 HOH B O     1 
HETATM 561 O O     . HOH E 3 .  ? 6.966   13.287  -3.498  1.00 10.78 ? 62 HOH B O     1 
HETATM 562 O O     . HOH E 3 .  ? -3.943  2.765   -6.541  1.00 9.54  ? 63 HOH B O     1 
HETATM 563 O O     . HOH E 3 .  ? -12.690 -3.669  -4.039  1.00 53.05 ? 64 HOH B O     1 
HETATM 564 O O     . HOH E 3 .  ? 1.611   14.512  0.164   1.00 23.26 ? 66 HOH B O     1 
# 
